data_8CKA
#
_entry.id   8CKA
#
_cell.length_a   1.00
_cell.length_b   1.00
_cell.length_c   1.00
_cell.angle_alpha   90.00
_cell.angle_beta   90.00
_cell.angle_gamma   90.00
#
_symmetry.space_group_name_H-M   'P 1'
#
_entity_poly.entity_id   1
_entity_poly.type   'polypeptide(L)'
_entity_poly.pdbx_seq_one_letter_code
;MKKNIALMALTGILTLASCGQNGTGTTPTADACATANTCSVTVNISGVSSADFDVTMDGKTTSMTLSNGQKLPVAKTGTV
TLTPKAKDGYTTPAAQSTTISSTNLTPSVNFAYTTVPSTGNGNGNGGTTPTQPFTLNITSPTNGAAATTGTPIRVVFTSS
VALSSATCKIGNSAAVNAQVSSTGGYCDVTPTTAGGGLITVTGTANGQTVSSTVTVDVKAPVVDNRYGTVTPAGDQELTL
TNEGIVKDADNGWRRLGQGVSTPSDPNGNVDIYVKGTVNFSVNAAAGSKVEVFLARTTGSDVPTNDDVQAGDVLRSVAST
SGTETFSLDSRRLAEFDGVRKWIVVRINGTQVTYQPVIADNKGPQQPDPELNGVQNAYSNILNNYNNSGLTYVRGDVNVF
TGNPSLQDREFGQAPLGSSFVQRRPSGFESIRYYLVPETAFGNKALQESDEMLRAKAIKSVATVVSAPVLEPGTVKATSF
SRVIGSGATSTVTPKAQDNVTYRVYAISRDQLGNETASATYELVRFDNVGPTITGSVIRDTSDLPFASQEPERCLSDIAT
ITLGGITDNAGGVGLNPGQGLTFTLGGRQIQAGQFDTNQLADGEYTIGFNSLTDALGNPVVSAPTNAKVYIDNTDPTVNF
NRAVMQGTFASGERVSVESDASDGGCGVYETRLFWDTDNGVVDDATTTPAIGHPVQFARQRVTDGAKADSLNAGWNALQL
PNGAGAVYLRALVVDRAGNATISTTPIVVNAKITNQARPLLGGFDAFKRNASAQFMSNSNAISGVNGTAVTPNTTANSAL
DNILSLDSVGTLTTNAYLPRGATETAITEKIRNVGAYGRFDATQWNRIRDYQLNTDPTLRSAYVNAGNLANQRGNNWRIR
TPWVELGSSDTANTQQKFDFNSDLLNDFYFGRTFGNNDNVNLFSYDQFNGIVSGTAGAYSFYGETVQK
;
_entity_poly.pdbx_strand_id   A,B
#
# COMPACT_ATOMS: atom_id res chain seq x y z
N PRO A 133 -11.97 -8.77 -86.32
CA PRO A 133 -11.65 -9.10 -84.92
C PRO A 133 -12.89 -9.55 -84.13
N PHE A 134 -12.63 -10.01 -82.91
CA PHE A 134 -13.69 -10.51 -82.05
C PHE A 134 -14.59 -9.37 -81.58
N THR A 135 -15.80 -9.74 -81.16
CA THR A 135 -16.75 -8.77 -80.63
C THR A 135 -16.46 -8.51 -79.16
N LEU A 136 -16.72 -7.27 -78.73
CA LEU A 136 -16.47 -6.87 -77.35
C LEU A 136 -17.51 -5.82 -76.96
N ASN A 137 -18.09 -6.00 -75.76
CA ASN A 137 -19.05 -5.05 -75.21
C ASN A 137 -18.83 -4.94 -73.71
N ILE A 138 -19.20 -3.78 -73.15
CA ILE A 138 -19.06 -3.52 -71.73
C ILE A 138 -20.45 -3.62 -71.09
N THR A 139 -20.60 -4.58 -70.18
CA THR A 139 -21.89 -4.83 -69.57
C THR A 139 -22.25 -3.72 -68.59
N SER A 140 -21.30 -3.39 -67.70
CA SER A 140 -21.53 -2.41 -66.65
C SER A 140 -20.26 -1.57 -66.48
N PRO A 141 -20.36 -0.27 -66.12
CA PRO A 141 -21.61 0.45 -65.91
C PRO A 141 -22.30 0.90 -67.19
N THR A 142 -23.60 1.20 -67.08
CA THR A 142 -24.39 1.67 -68.20
C THR A 142 -23.95 3.07 -68.61
N ASN A 143 -24.13 3.37 -69.90
CA ASN A 143 -23.79 4.68 -70.43
C ASN A 143 -24.75 5.72 -69.86
N GLY A 144 -24.18 6.83 -69.35
CA GLY A 144 -24.96 7.93 -68.81
C GLY A 144 -25.33 7.76 -67.34
N ALA A 145 -24.62 6.88 -66.61
CA ALA A 145 -24.90 6.66 -65.20
C ALA A 145 -24.35 7.82 -64.36
N ALA A 146 -24.61 7.76 -63.06
CA ALA A 146 -24.14 8.76 -62.11
C ALA A 146 -22.88 8.25 -61.41
N ALA A 147 -21.93 9.17 -61.21
CA ALA A 147 -20.68 8.85 -60.52
C ALA A 147 -20.17 10.10 -59.80
N THR A 148 -19.28 9.86 -58.83
CA THR A 148 -18.63 10.94 -58.10
C THR A 148 -17.13 10.63 -58.02
N THR A 149 -16.31 11.65 -58.26
CA THR A 149 -14.86 11.50 -58.27
C THR A 149 -14.37 11.08 -56.88
N GLY A 150 -13.35 10.22 -56.86
CA GLY A 150 -12.77 9.72 -55.63
C GLY A 150 -13.41 8.42 -55.14
N THR A 151 -14.44 7.94 -55.84
CA THR A 151 -15.11 6.69 -55.49
C THR A 151 -14.79 5.64 -56.54
N PRO A 152 -14.11 4.53 -56.18
CA PRO A 152 -13.90 3.42 -57.11
C PRO A 152 -15.18 2.96 -57.82
N ILE A 153 -15.03 2.69 -59.12
CA ILE A 153 -16.14 2.26 -59.98
C ILE A 153 -15.76 0.92 -60.61
N ARG A 154 -16.71 -0.01 -60.59
CA ARG A 154 -16.49 -1.35 -61.13
C ARG A 154 -16.95 -1.40 -62.57
N VAL A 155 -16.02 -1.74 -63.47
CA VAL A 155 -16.33 -1.90 -64.88
C VAL A 155 -16.18 -3.37 -65.24
N VAL A 156 -17.30 -4.02 -65.57
CA VAL A 156 -17.31 -5.43 -65.89
C VAL A 156 -17.87 -5.61 -67.30
N PHE A 157 -17.25 -6.53 -68.05
CA PHE A 157 -17.60 -6.75 -69.43
C PHE A 157 -17.54 -8.23 -69.77
N THR A 158 -18.23 -8.61 -70.84
CA THR A 158 -18.22 -9.98 -71.34
C THR A 158 -17.64 -9.99 -72.75
N SER A 159 -16.86 -11.03 -73.04
CA SER A 159 -16.20 -11.19 -74.32
C SER A 159 -16.60 -12.54 -74.94
N SER A 160 -16.60 -12.58 -76.27
CA SER A 160 -16.92 -13.80 -77.00
C SER A 160 -15.86 -14.88 -76.73
N VAL A 161 -14.59 -14.47 -76.69
CA VAL A 161 -13.48 -15.39 -76.46
C VAL A 161 -12.60 -14.84 -75.35
N ALA A 162 -11.77 -15.72 -74.78
CA ALA A 162 -10.86 -15.34 -73.72
C ALA A 162 -9.81 -14.37 -74.27
N LEU A 163 -9.50 -13.34 -73.49
CA LEU A 163 -8.56 -12.32 -73.92
C LEU A 163 -7.17 -12.62 -73.36
N SER A 164 -6.14 -12.41 -74.18
CA SER A 164 -4.77 -12.57 -73.76
C SER A 164 -4.42 -11.54 -72.69
N SER A 165 -4.85 -10.28 -72.89
CA SER A 165 -4.66 -9.24 -71.90
C SER A 165 -5.70 -8.14 -72.10
N ALA A 166 -5.87 -7.30 -71.08
CA ALA A 166 -6.81 -6.20 -71.14
C ALA A 166 -6.38 -5.08 -70.20
N THR A 167 -6.70 -3.84 -70.61
CA THR A 167 -6.39 -2.65 -69.82
C THR A 167 -7.63 -1.77 -69.70
N CYS A 168 -7.72 -1.08 -68.56
CA CYS A 168 -8.80 -0.16 -68.28
C CYS A 168 -8.22 1.23 -68.01
N LYS A 169 -8.77 2.26 -68.67
CA LYS A 169 -8.27 3.61 -68.54
C LYS A 169 -9.46 4.56 -68.34
N ILE A 170 -9.19 5.69 -67.69
CA ILE A 170 -10.22 6.68 -67.41
C ILE A 170 -9.78 7.99 -68.06
N GLY A 171 -10.20 8.20 -69.31
CA GLY A 171 -9.85 9.40 -70.05
C GLY A 171 -8.34 9.53 -70.25
N ASN A 172 -7.71 10.46 -69.54
CA ASN A 172 -6.29 10.70 -69.66
C ASN A 172 -5.54 10.16 -68.44
N SER A 173 -6.24 9.47 -67.53
CA SER A 173 -5.62 8.95 -66.32
C SER A 173 -4.77 7.70 -66.63
N ALA A 174 -4.03 7.24 -65.63
CA ALA A 174 -3.16 6.08 -65.78
C ALA A 174 -3.99 4.82 -65.99
N ALA A 175 -3.54 3.98 -66.92
CA ALA A 175 -4.21 2.72 -67.22
C ALA A 175 -3.84 1.66 -66.18
N VAL A 176 -4.75 0.70 -65.99
CA VAL A 176 -4.56 -0.40 -65.05
C VAL A 176 -4.89 -1.70 -65.76
N ASN A 177 -4.04 -2.72 -65.57
CA ASN A 177 -4.30 -4.04 -66.10
C ASN A 177 -5.58 -4.59 -65.48
N ALA A 178 -6.45 -5.16 -66.33
CA ALA A 178 -7.74 -5.66 -65.90
C ALA A 178 -7.71 -7.18 -65.79
N GLN A 179 -8.54 -7.71 -64.89
CA GLN A 179 -8.67 -9.15 -64.71
C GLN A 179 -9.48 -9.69 -65.89
N VAL A 180 -8.97 -10.76 -66.51
CA VAL A 180 -9.60 -11.38 -67.66
C VAL A 180 -9.95 -12.82 -67.34
N SER A 181 -11.17 -13.22 -67.70
CA SER A 181 -11.63 -14.59 -67.62
C SER A 181 -12.17 -15.02 -68.99
N SER A 182 -12.39 -16.32 -69.16
CA SER A 182 -12.85 -16.86 -70.43
C SER A 182 -14.20 -16.30 -70.84
N THR A 183 -14.97 -15.79 -69.87
CA THR A 183 -16.30 -15.25 -70.14
C THR A 183 -16.30 -13.72 -70.16
N GLY A 184 -15.11 -13.10 -70.13
CA GLY A 184 -15.04 -11.65 -70.17
C GLY A 184 -13.97 -11.11 -69.22
N GLY A 185 -14.38 -10.23 -68.30
CA GLY A 185 -13.44 -9.71 -67.33
C GLY A 185 -14.00 -8.51 -66.57
N TYR A 186 -13.16 -7.96 -65.71
CA TYR A 186 -13.55 -6.82 -64.89
C TYR A 186 -12.33 -6.02 -64.48
N CYS A 187 -12.59 -4.79 -64.05
CA CYS A 187 -11.56 -3.89 -63.55
C CYS A 187 -12.19 -2.88 -62.60
N ASP A 188 -11.36 -2.24 -61.79
CA ASP A 188 -11.79 -1.19 -60.89
C ASP A 188 -11.03 0.08 -61.24
N VAL A 189 -11.77 1.18 -61.39
CA VAL A 189 -11.20 2.43 -61.88
C VAL A 189 -11.51 3.56 -60.91
N THR A 190 -10.72 4.62 -60.99
CA THR A 190 -10.91 5.80 -60.14
C THR A 190 -11.04 7.04 -61.01
N PRO A 191 -12.25 7.64 -61.12
CA PRO A 191 -12.38 8.89 -61.87
C PRO A 191 -11.59 10.02 -61.22
N THR A 192 -11.06 10.92 -62.07
CA THR A 192 -10.22 12.01 -61.60
C THR A 192 -10.88 13.37 -61.88
N THR A 193 -11.26 13.59 -63.14
CA THR A 193 -11.80 14.87 -63.56
C THR A 193 -13.33 14.78 -63.61
N ALA A 194 -13.99 15.88 -63.20
CA ALA A 194 -15.45 15.95 -63.21
C ALA A 194 -15.95 16.14 -64.65
N GLY A 195 -17.27 15.96 -64.81
CA GLY A 195 -17.89 16.10 -66.11
C GLY A 195 -18.25 14.74 -66.71
N GLY A 196 -17.65 14.43 -67.86
CA GLY A 196 -17.89 13.15 -68.52
C GLY A 196 -16.68 12.23 -68.42
N GLY A 197 -16.72 11.28 -67.48
CA GLY A 197 -15.66 10.28 -67.36
C GLY A 197 -15.74 9.28 -68.51
N LEU A 198 -14.70 9.26 -69.34
CA LEU A 198 -14.65 8.43 -70.54
C LEU A 198 -13.79 7.21 -70.22
N ILE A 199 -14.46 6.11 -69.83
CA ILE A 199 -13.75 4.90 -69.44
C ILE A 199 -13.57 4.03 -70.68
N THR A 200 -12.31 3.68 -70.97
CA THR A 200 -11.98 2.86 -72.12
C THR A 200 -11.42 1.52 -71.65
N VAL A 201 -12.00 0.43 -72.17
CA VAL A 201 -11.51 -0.91 -71.90
C VAL A 201 -11.01 -1.49 -73.22
N THR A 202 -9.72 -1.85 -73.24
CA THR A 202 -9.09 -2.43 -74.40
C THR A 202 -8.70 -3.88 -74.08
N GLY A 203 -8.81 -4.76 -75.07
CA GLY A 203 -8.50 -6.16 -74.88
C GLY A 203 -7.88 -6.78 -76.13
N THR A 204 -6.77 -7.51 -75.94
CA THR A 204 -6.08 -8.17 -77.03
C THR A 204 -6.07 -9.67 -76.79
N ALA A 205 -6.30 -10.42 -77.87
CA ALA A 205 -6.30 -11.88 -77.84
C ALA A 205 -6.00 -12.40 -79.24
N ASN A 206 -5.06 -13.35 -79.34
CA ASN A 206 -4.71 -14.01 -80.58
C ASN A 206 -4.31 -13.00 -81.65
N GLY A 207 -3.69 -11.88 -81.22
CA GLY A 207 -3.18 -10.87 -82.14
C GLY A 207 -4.25 -9.86 -82.56
N GLN A 208 -5.50 -10.01 -82.10
CA GLN A 208 -6.56 -9.08 -82.41
C GLN A 208 -6.86 -8.22 -81.18
N THR A 209 -6.84 -6.90 -81.37
CA THR A 209 -7.09 -5.95 -80.29
C THR A 209 -8.38 -5.20 -80.57
N VAL A 210 -9.27 -5.19 -79.57
CA VAL A 210 -10.55 -4.49 -79.68
C VAL A 210 -10.70 -3.58 -78.46
N SER A 211 -11.10 -2.33 -78.73
CA SER A 211 -11.29 -1.34 -77.68
C SER A 211 -12.73 -0.86 -77.68
N SER A 212 -13.34 -0.81 -76.48
CA SER A 212 -14.66 -0.24 -76.28
C SER A 212 -14.57 0.87 -75.25
N THR A 213 -15.61 1.72 -75.19
CA THR A 213 -15.61 2.82 -74.24
C THR A 213 -17.03 3.14 -73.82
N VAL A 214 -17.14 3.67 -72.60
CA VAL A 214 -18.41 4.06 -72.00
C VAL A 214 -18.19 5.37 -71.25
N THR A 215 -19.13 6.30 -71.39
CA THR A 215 -19.04 7.58 -70.71
C THR A 215 -20.06 7.63 -69.58
N VAL A 216 -19.60 8.14 -68.42
CA VAL A 216 -20.42 8.25 -67.22
C VAL A 216 -20.41 9.69 -66.74
N ASP A 217 -21.54 10.15 -66.23
CA ASP A 217 -21.65 11.50 -65.68
C ASP A 217 -21.05 11.49 -64.27
N VAL A 218 -19.87 12.11 -64.14
CA VAL A 218 -19.21 12.23 -62.85
C VAL A 218 -19.39 13.67 -62.35
N LYS A 219 -19.77 13.82 -61.08
CA LYS A 219 -20.00 15.12 -60.49
C LYS A 219 -19.13 15.29 -59.25
N ALA A 220 -18.88 16.55 -58.88
CA ALA A 220 -18.10 16.86 -57.70
C ALA A 220 -18.91 16.51 -56.46
N PRO A 221 -18.26 15.99 -55.39
CA PRO A 221 -18.98 15.68 -54.15
C PRO A 221 -19.42 16.95 -53.42
N VAL A 222 -20.41 16.79 -52.55
CA VAL A 222 -20.93 17.88 -51.74
C VAL A 222 -19.81 18.46 -50.88
N VAL A 223 -19.79 19.80 -50.78
CA VAL A 223 -18.72 20.52 -50.11
C VAL A 223 -18.69 20.21 -48.61
N ASP A 224 -19.88 20.02 -48.01
CA ASP A 224 -20.06 19.64 -46.62
C ASP A 224 -18.98 20.24 -45.72
N ASN A 225 -18.94 21.58 -45.66
CA ASN A 225 -17.91 22.28 -44.92
C ASN A 225 -18.09 22.14 -43.41
N ARG A 226 -19.35 22.07 -42.97
CA ARG A 226 -19.70 22.12 -41.54
C ARG A 226 -19.11 23.38 -40.90
N TYR A 227 -19.63 24.53 -41.33
CA TYR A 227 -19.25 25.79 -40.72
C TYR A 227 -19.72 25.84 -39.27
N GLY A 228 -18.98 26.58 -38.45
CA GLY A 228 -19.31 26.73 -37.05
C GLY A 228 -18.68 25.66 -36.15
N THR A 229 -17.82 24.80 -36.72
CA THR A 229 -17.14 23.78 -35.94
C THR A 229 -16.08 24.43 -35.05
N VAL A 230 -16.04 24.01 -33.78
CA VAL A 230 -15.04 24.48 -32.85
C VAL A 230 -13.95 23.42 -32.73
N THR A 231 -12.69 23.84 -32.92
CA THR A 231 -11.56 22.92 -32.87
C THR A 231 -10.54 23.42 -31.87
N PRO A 232 -10.16 22.64 -30.85
CA PRO A 232 -9.12 23.07 -29.91
C PRO A 232 -7.76 23.13 -30.62
N ALA A 233 -6.90 24.02 -30.13
CA ALA A 233 -5.58 24.22 -30.70
C ALA A 233 -4.77 22.93 -30.63
N GLY A 234 -4.16 22.55 -31.77
CA GLY A 234 -3.37 21.34 -31.86
C GLY A 234 -2.14 21.34 -30.95
N ASP A 235 -1.46 22.49 -30.88
CA ASP A 235 -0.22 22.60 -30.14
C ASP A 235 -0.44 22.63 -28.63
N GLN A 236 -1.68 22.79 -28.17
CA GLN A 236 -1.97 22.90 -26.75
C GLN A 236 -2.53 21.58 -26.17
N GLU A 237 -2.55 20.52 -26.99
CA GLU A 237 -3.05 19.23 -26.55
C GLU A 237 -2.08 18.59 -25.55
N LEU A 238 -2.64 18.00 -24.49
CA LEU A 238 -1.83 17.30 -23.49
C LEU A 238 -1.53 15.90 -23.99
N THR A 239 -0.47 15.79 -24.79
CA THR A 239 -0.07 14.54 -25.37
C THR A 239 0.50 13.62 -24.31
N LEU A 240 0.54 12.32 -24.63
CA LEU A 240 1.01 11.30 -23.71
C LEU A 240 2.49 11.04 -23.95
N THR A 241 3.28 11.12 -22.87
CA THR A 241 4.71 10.85 -22.97
C THR A 241 4.95 9.35 -23.00
N ASN A 242 6.19 8.96 -23.31
CA ASN A 242 6.57 7.55 -23.34
C ASN A 242 6.53 6.95 -21.92
N GLU A 243 6.59 7.79 -20.89
CA GLU A 243 6.65 7.33 -19.52
C GLU A 243 5.29 6.85 -19.04
N GLY A 244 4.20 7.37 -19.60
CA GLY A 244 2.85 6.92 -19.29
C GLY A 244 1.96 7.99 -18.64
N ILE A 245 2.46 9.23 -18.53
CA ILE A 245 1.66 10.32 -18.00
C ILE A 245 1.65 11.46 -19.00
N VAL A 246 0.70 12.38 -18.81
CA VAL A 246 0.57 13.52 -19.70
C VAL A 246 1.71 14.50 -19.45
N LYS A 247 2.08 15.23 -20.49
CA LYS A 247 3.16 16.21 -20.43
C LYS A 247 2.78 17.33 -19.47
N ASP A 248 3.80 17.97 -18.89
CA ASP A 248 3.60 19.04 -17.94
C ASP A 248 3.26 20.33 -18.68
N ALA A 249 2.15 20.97 -18.27
CA ALA A 249 1.70 22.24 -18.82
C ALA A 249 0.70 22.89 -17.88
N ASP A 250 0.63 24.22 -17.88
CA ASP A 250 -0.31 24.94 -17.05
C ASP A 250 -1.70 24.98 -17.69
N ASN A 251 -1.76 24.96 -19.02
CA ASN A 251 -3.02 24.98 -19.74
C ASN A 251 -2.99 23.89 -20.81
N GLY A 252 -4.14 23.26 -21.05
CA GLY A 252 -4.22 22.27 -22.10
C GLY A 252 -5.58 21.57 -22.12
N TRP A 253 -5.68 20.59 -23.02
CA TRP A 253 -6.90 19.85 -23.21
C TRP A 253 -6.59 18.42 -23.64
N ARG A 254 -7.53 17.52 -23.39
CA ARG A 254 -7.39 16.12 -23.80
C ARG A 254 -8.78 15.50 -23.90
N ARG A 255 -8.96 14.64 -24.90
CA ARG A 255 -10.21 13.91 -25.06
C ARG A 255 -10.15 12.64 -24.22
N LEU A 256 -11.09 12.51 -23.27
CA LEU A 256 -11.11 11.39 -22.34
C LEU A 256 -12.43 10.65 -22.44
N GLY A 257 -12.36 9.30 -22.44
CA GLY A 257 -13.49 8.42 -22.22
C GLY A 257 -13.59 7.99 -20.77
N GLN A 258 -14.81 7.98 -20.21
CA GLN A 258 -15.11 7.50 -18.88
C GLN A 258 -16.21 6.42 -18.95
N GLY A 259 -16.39 5.68 -17.84
CA GLY A 259 -17.56 4.85 -17.57
C GLY A 259 -17.85 4.82 -16.07
N VAL A 260 -19.14 4.73 -15.71
CA VAL A 260 -19.59 4.61 -14.32
C VAL A 260 -20.60 3.47 -14.23
N SER A 261 -20.53 2.70 -13.13
CA SER A 261 -21.43 1.56 -12.91
C SER A 261 -21.45 1.21 -11.42
N THR A 262 -22.04 0.05 -11.08
CA THR A 262 -21.94 -0.55 -9.76
C THR A 262 -22.43 0.41 -8.69
N PRO A 263 -23.73 0.42 -8.34
CA PRO A 263 -24.69 -0.63 -8.72
C PRO A 263 -25.39 -0.47 -10.07
N SER A 264 -25.47 0.77 -10.55
CA SER A 264 -26.21 1.09 -11.76
C SER A 264 -25.56 0.42 -12.97
N ASP A 265 -26.36 0.26 -14.02
CA ASP A 265 -25.86 -0.23 -15.28
C ASP A 265 -24.79 0.74 -15.81
N PRO A 266 -23.75 0.24 -16.47
CA PRO A 266 -22.69 1.11 -17.01
C PRO A 266 -23.22 2.20 -17.94
N ASN A 267 -22.71 3.42 -17.74
CA ASN A 267 -22.96 4.53 -18.65
C ASN A 267 -21.67 5.33 -18.77
N GLY A 268 -21.32 5.69 -20.00
CA GLY A 268 -20.04 6.30 -20.26
C GLY A 268 -20.18 7.57 -21.09
N ASN A 269 -19.10 8.36 -21.12
CA ASN A 269 -19.04 9.56 -21.94
C ASN A 269 -17.62 9.80 -22.42
N VAL A 270 -17.50 10.29 -23.66
CA VAL A 270 -16.23 10.74 -24.20
C VAL A 270 -16.34 12.25 -24.43
N ASP A 271 -15.54 13.02 -23.69
CA ASP A 271 -15.62 14.46 -23.74
C ASP A 271 -14.21 15.07 -23.78
N ILE A 272 -14.15 16.33 -24.24
CA ILE A 272 -12.94 17.13 -24.21
C ILE A 272 -12.81 17.80 -22.84
N TYR A 273 -11.81 17.37 -22.08
CA TYR A 273 -11.54 17.94 -20.78
C TYR A 273 -10.54 19.08 -20.99
N VAL A 274 -10.71 20.20 -20.28
CA VAL A 274 -9.84 21.35 -20.48
C VAL A 274 -9.38 21.83 -19.11
N LYS A 275 -8.15 22.34 -19.03
CA LYS A 275 -7.65 23.03 -17.85
C LYS A 275 -6.90 24.29 -18.28
N GLY A 276 -6.95 25.30 -17.42
CA GLY A 276 -6.32 26.58 -17.72
C GLY A 276 -7.02 27.31 -18.86
N THR A 277 -6.24 28.10 -19.59
CA THR A 277 -6.76 28.88 -20.69
C THR A 277 -6.44 28.17 -22.00
N VAL A 278 -7.48 27.85 -22.77
CA VAL A 278 -7.32 27.06 -23.97
C VAL A 278 -7.76 27.89 -25.17
N ASN A 279 -7.03 27.74 -26.28
CA ASN A 279 -7.36 28.43 -27.51
C ASN A 279 -8.19 27.50 -28.40
N PHE A 280 -9.13 28.11 -29.13
CA PHE A 280 -9.99 27.39 -30.05
C PHE A 280 -10.09 28.14 -31.38
N SER A 281 -10.44 27.41 -32.44
CA SER A 281 -10.62 27.98 -33.76
C SER A 281 -12.01 27.61 -34.30
N VAL A 282 -12.62 28.55 -35.04
CA VAL A 282 -13.92 28.37 -35.65
C VAL A 282 -13.82 28.69 -37.13
N ASN A 283 -14.37 27.83 -37.98
CA ASN A 283 -14.35 28.06 -39.41
C ASN A 283 -15.68 28.66 -39.86
N ALA A 284 -15.61 29.59 -40.82
CA ALA A 284 -16.80 30.20 -41.41
C ALA A 284 -16.46 30.69 -42.80
N ALA A 285 -17.50 30.98 -43.59
CA ALA A 285 -17.31 31.51 -44.94
C ALA A 285 -16.70 32.91 -44.85
N ALA A 286 -15.95 33.29 -45.89
CA ALA A 286 -15.28 34.59 -45.90
C ALA A 286 -16.32 35.71 -45.87
N GLY A 287 -16.09 36.71 -45.02
CA GLY A 287 -16.94 37.88 -44.96
C GLY A 287 -18.13 37.73 -44.00
N SER A 288 -18.24 36.59 -43.32
CA SER A 288 -19.37 36.32 -42.45
C SER A 288 -19.08 36.87 -41.05
N LYS A 289 -20.09 37.50 -40.44
CA LYS A 289 -19.98 37.93 -39.06
C LYS A 289 -20.01 36.70 -38.16
N VAL A 290 -19.06 36.64 -37.22
CA VAL A 290 -18.92 35.49 -36.34
C VAL A 290 -18.98 35.97 -34.91
N GLU A 291 -19.82 35.33 -34.10
CA GLU A 291 -19.89 35.62 -32.68
C GLU A 291 -19.74 34.31 -31.91
N VAL A 292 -19.07 34.39 -30.75
CA VAL A 292 -18.82 33.23 -29.91
C VAL A 292 -19.22 33.59 -28.50
N PHE A 293 -20.05 32.74 -27.90
CA PHE A 293 -20.55 32.98 -26.55
C PHE A 293 -20.20 31.78 -25.67
N LEU A 294 -20.10 32.05 -24.36
CA LEU A 294 -20.08 31.02 -23.36
C LEU A 294 -21.50 30.75 -22.88
N ALA A 295 -21.93 29.50 -22.96
CA ALA A 295 -23.19 29.03 -22.39
C ALA A 295 -24.40 29.55 -23.18
N ARG A 296 -24.78 30.82 -22.98
CA ARG A 296 -26.02 31.34 -23.52
C ARG A 296 -25.76 32.51 -24.46
N THR A 297 -26.58 32.57 -25.51
CA THR A 297 -26.64 33.74 -26.37
C THR A 297 -27.64 34.75 -25.83
N THR A 298 -28.71 34.28 -25.18
CA THR A 298 -29.62 35.14 -24.46
C THR A 298 -30.35 34.29 -23.42
N GLY A 299 -31.35 34.88 -22.76
CA GLY A 299 -32.25 34.09 -21.94
C GLY A 299 -31.65 33.69 -20.61
N SER A 300 -31.45 34.67 -19.74
CA SER A 300 -31.03 34.42 -18.38
C SER A 300 -32.09 33.61 -17.63
N ASP A 301 -31.64 32.59 -16.90
CA ASP A 301 -32.50 31.76 -16.07
C ASP A 301 -32.43 32.25 -14.62
N VAL A 302 -33.36 33.13 -14.24
CA VAL A 302 -33.33 33.72 -12.92
C VAL A 302 -33.48 32.67 -11.82
N PRO A 303 -34.45 31.72 -11.88
CA PRO A 303 -34.61 30.76 -10.77
C PRO A 303 -33.37 29.93 -10.45
N THR A 304 -32.59 29.56 -11.47
CA THR A 304 -31.37 28.78 -11.24
C THR A 304 -30.14 29.68 -11.02
N ASN A 305 -30.31 31.01 -10.89
CA ASN A 305 -29.22 31.97 -10.73
C ASN A 305 -28.24 31.88 -11.89
N ASP A 306 -28.71 31.55 -13.08
CA ASP A 306 -27.86 31.49 -14.25
C ASP A 306 -28.17 32.67 -15.15
N ASP A 307 -27.13 33.45 -15.49
CA ASP A 307 -27.31 34.66 -16.26
C ASP A 307 -26.43 34.64 -17.51
N VAL A 308 -26.84 35.44 -18.49
CA VAL A 308 -26.03 35.78 -19.64
C VAL A 308 -25.63 37.24 -19.48
N GLN A 309 -24.34 37.53 -19.72
CA GLN A 309 -23.83 38.88 -19.51
C GLN A 309 -23.07 39.31 -20.76
N ALA A 310 -22.78 40.61 -20.82
CA ALA A 310 -22.05 41.19 -21.94
C ALA A 310 -20.63 40.62 -22.01
N GLY A 311 -20.06 40.34 -20.82
CA GLY A 311 -18.72 39.78 -20.71
C GLY A 311 -18.58 38.34 -21.21
N ASP A 312 -19.70 37.66 -21.49
CA ASP A 312 -19.67 36.26 -21.89
C ASP A 312 -19.40 36.13 -23.38
N VAL A 313 -19.27 37.23 -24.12
CA VAL A 313 -18.87 37.14 -25.52
C VAL A 313 -17.37 36.86 -25.56
N LEU A 314 -17.00 35.71 -26.11
CA LEU A 314 -15.59 35.35 -26.22
C LEU A 314 -14.94 36.07 -27.39
N ARG A 315 -15.69 36.24 -28.48
CA ARG A 315 -15.16 36.82 -29.69
C ARG A 315 -16.32 37.28 -30.57
N SER A 316 -16.07 38.31 -31.40
CA SER A 316 -17.06 38.83 -32.32
C SER A 316 -16.36 39.69 -33.35
N VAL A 317 -16.48 39.29 -34.62
CA VAL A 317 -15.87 40.02 -35.71
C VAL A 317 -16.93 40.23 -36.78
N ALA A 318 -17.01 41.45 -37.30
CA ALA A 318 -17.96 41.82 -38.32
C ALA A 318 -17.69 41.09 -39.63
N SER A 319 -16.40 40.96 -39.98
CA SER A 319 -15.98 40.26 -41.18
C SER A 319 -14.89 39.26 -40.81
N THR A 320 -14.87 38.12 -41.51
CA THR A 320 -13.91 37.06 -41.25
C THR A 320 -13.27 36.63 -42.57
N SER A 321 -11.98 36.29 -42.50
CA SER A 321 -11.20 35.88 -43.66
C SER A 321 -11.37 34.40 -43.99
N GLY A 322 -12.11 33.66 -43.15
CA GLY A 322 -12.31 32.24 -43.37
C GLY A 322 -12.21 31.43 -42.07
N THR A 323 -11.54 31.99 -41.08
CA THR A 323 -11.37 31.33 -39.79
C THR A 323 -11.14 32.37 -38.71
N GLU A 324 -11.47 32.00 -37.47
CA GLU A 324 -11.34 32.89 -36.33
C GLU A 324 -10.74 32.09 -35.18
N THR A 325 -10.01 32.79 -34.31
CA THR A 325 -9.38 32.17 -33.15
C THR A 325 -9.82 32.92 -31.91
N PHE A 326 -10.22 32.18 -30.87
CA PHE A 326 -10.58 32.79 -29.60
C PHE A 326 -9.99 31.99 -28.45
N SER A 327 -10.19 32.48 -27.24
CA SER A 327 -9.60 31.92 -26.04
C SER A 327 -10.68 31.74 -24.98
N LEU A 328 -10.56 30.66 -24.19
CA LEU A 328 -11.51 30.37 -23.13
C LEU A 328 -10.77 30.05 -21.85
N ASP A 329 -11.16 30.70 -20.75
CA ASP A 329 -10.67 30.37 -19.44
C ASP A 329 -11.58 29.32 -18.80
N SER A 330 -11.02 28.13 -18.56
CA SER A 330 -11.78 27.00 -18.03
C SER A 330 -12.35 27.30 -16.65
N ARG A 331 -11.77 28.27 -15.92
CA ARG A 331 -12.24 28.57 -14.58
C ARG A 331 -13.55 29.38 -14.60
N ARG A 332 -13.97 29.88 -15.76
CA ARG A 332 -15.24 30.58 -15.87
C ARG A 332 -16.39 29.60 -15.71
N LEU A 333 -17.43 30.03 -14.98
CA LEU A 333 -18.59 29.19 -14.65
C LEU A 333 -18.12 27.95 -13.91
N ALA A 334 -17.49 28.18 -12.75
CA ALA A 334 -16.91 27.11 -11.94
C ALA A 334 -17.97 26.20 -11.32
N GLU A 335 -19.25 26.62 -11.36
CA GLU A 335 -20.32 25.77 -10.89
C GLU A 335 -20.41 24.46 -11.69
N PHE A 336 -19.94 24.47 -12.95
CA PHE A 336 -20.07 23.33 -13.82
C PHE A 336 -18.76 22.57 -13.97
N ASP A 337 -17.99 22.48 -12.86
CA ASP A 337 -16.78 21.68 -12.84
C ASP A 337 -17.17 20.20 -12.82
N GLY A 338 -16.80 19.46 -13.87
CA GLY A 338 -17.06 18.03 -13.90
C GLY A 338 -18.33 17.69 -14.68
N VAL A 339 -19.05 18.70 -15.18
CA VAL A 339 -20.16 18.47 -16.09
C VAL A 339 -19.95 19.27 -17.35
N ARG A 340 -20.81 19.03 -18.34
CA ARG A 340 -20.67 19.68 -19.63
C ARG A 340 -21.08 21.16 -19.52
N LYS A 341 -20.34 22.01 -20.24
CA LYS A 341 -20.74 23.37 -20.52
C LYS A 341 -20.45 23.65 -21.98
N TRP A 342 -21.32 24.42 -22.63
CA TRP A 342 -21.27 24.54 -24.08
C TRP A 342 -20.70 25.89 -24.50
N ILE A 343 -20.02 25.90 -25.63
CA ILE A 343 -19.64 27.09 -26.35
C ILE A 343 -20.57 27.23 -27.54
N VAL A 344 -21.16 28.43 -27.69
CA VAL A 344 -22.13 28.69 -28.74
C VAL A 344 -21.50 29.55 -29.82
N VAL A 345 -21.68 29.16 -31.08
CA VAL A 345 -21.17 29.92 -32.20
C VAL A 345 -22.33 30.35 -33.08
N ARG A 346 -22.41 31.66 -33.38
CA ARG A 346 -23.43 32.23 -34.24
C ARG A 346 -22.79 32.84 -35.49
N ILE A 347 -23.34 32.48 -36.65
CA ILE A 347 -22.87 32.97 -37.93
C ILE A 347 -24.02 33.73 -38.60
N ASN A 348 -23.72 34.98 -39.01
CA ASN A 348 -24.66 35.88 -39.68
C ASN A 348 -25.91 36.14 -38.85
N GLY A 349 -25.84 35.94 -37.53
CA GLY A 349 -26.98 36.14 -36.66
C GLY A 349 -28.07 35.07 -36.80
N THR A 350 -27.86 34.04 -37.62
CA THR A 350 -28.87 33.02 -37.85
C THR A 350 -28.38 31.62 -37.48
N GLN A 351 -27.20 31.21 -37.99
CA GLN A 351 -26.76 29.83 -37.85
C GLN A 351 -26.09 29.63 -36.50
N VAL A 352 -26.62 28.71 -35.69
CA VAL A 352 -26.11 28.47 -34.34
C VAL A 352 -25.60 27.03 -34.21
N THR A 353 -24.39 26.89 -33.65
CA THR A 353 -23.78 25.60 -33.37
C THR A 353 -23.28 25.58 -31.93
N TYR A 354 -23.12 24.37 -31.39
CA TYR A 354 -22.69 24.19 -30.01
C TYR A 354 -21.51 23.23 -29.95
N GLN A 355 -20.68 23.40 -28.91
CA GLN A 355 -19.57 22.49 -28.65
C GLN A 355 -19.39 22.34 -27.14
N PRO A 356 -19.55 21.12 -26.57
CA PRO A 356 -19.39 20.93 -25.14
C PRO A 356 -17.95 20.68 -24.69
N VAL A 357 -17.62 21.18 -23.50
CA VAL A 357 -16.35 20.91 -22.84
C VAL A 357 -16.61 20.65 -21.36
N ILE A 358 -15.62 20.03 -20.70
CA ILE A 358 -15.65 19.81 -19.27
C ILE A 358 -14.38 20.38 -18.65
N ALA A 359 -14.53 21.09 -17.54
CA ALA A 359 -13.42 21.82 -16.94
C ALA A 359 -12.93 21.09 -15.70
N ASP A 360 -11.61 20.98 -15.62
CA ASP A 360 -10.97 20.35 -14.48
C ASP A 360 -9.73 21.16 -14.11
N ASN A 361 -9.78 21.87 -12.99
CA ASN A 361 -8.68 22.71 -12.57
C ASN A 361 -8.30 22.41 -11.12
N LYS A 362 -8.51 21.16 -10.68
CA LYS A 362 -8.11 20.79 -9.33
C LYS A 362 -7.48 19.40 -9.35
N GLY A 363 -6.39 19.25 -8.60
CA GLY A 363 -5.68 17.98 -8.54
C GLY A 363 -6.31 17.04 -7.52
N PRO A 364 -5.82 15.78 -7.44
CA PRO A 364 -6.37 14.80 -6.52
C PRO A 364 -6.17 15.18 -5.06
N GLN A 365 -6.55 14.31 -4.15
CA GLN A 365 -6.28 14.54 -2.74
C GLN A 365 -4.81 14.25 -2.45
N GLN A 366 -4.29 14.88 -1.37
CA GLN A 366 -2.85 14.85 -1.09
C GLN A 366 -2.42 13.44 -0.66
N PRO A 367 -1.38 12.86 -1.27
CA PRO A 367 -0.87 11.55 -0.85
C PRO A 367 0.12 11.68 0.30
N ASP A 368 0.07 10.70 1.21
CA ASP A 368 0.93 10.71 2.38
C ASP A 368 2.06 9.70 2.16
N PRO A 369 3.33 10.16 2.07
CA PRO A 369 4.44 9.22 1.97
C PRO A 369 4.64 8.47 3.28
N GLU A 370 5.09 7.23 3.15
CA GLU A 370 5.33 6.39 4.33
C GLU A 370 6.55 5.51 4.04
N LEU A 371 7.34 5.26 5.10
CA LEU A 371 8.58 4.52 5.00
C LEU A 371 8.43 3.16 5.66
N ASN A 372 9.05 2.15 5.05
CA ASN A 372 9.17 0.83 5.65
C ASN A 372 10.55 0.26 5.35
N GLY A 373 10.98 -0.68 6.20
CA GLY A 373 12.25 -1.37 6.00
C GLY A 373 12.16 -2.41 4.89
N VAL A 374 13.32 -2.93 4.49
CA VAL A 374 13.39 -4.03 3.54
C VAL A 374 14.11 -5.18 4.22
N GLN A 375 13.57 -6.40 4.07
CA GLN A 375 14.10 -7.58 4.73
C GLN A 375 15.09 -8.25 3.79
N ASN A 376 16.37 -7.94 4.01
CA ASN A 376 17.48 -8.63 3.35
C ASN A 376 18.72 -8.47 4.22
N ALA A 377 19.87 -8.92 3.71
CA ALA A 377 21.10 -9.02 4.48
C ALA A 377 21.70 -7.63 4.76
N TYR A 378 21.62 -6.73 3.77
CA TYR A 378 22.42 -5.51 3.77
C TYR A 378 21.59 -4.27 4.08
N SER A 379 20.43 -4.44 4.74
CA SER A 379 19.58 -3.30 5.07
C SER A 379 19.25 -3.30 6.55
N ASN A 380 19.39 -2.14 7.19
CA ASN A 380 18.98 -1.94 8.56
C ASN A 380 18.25 -0.59 8.64
N ILE A 381 17.39 -0.43 9.67
CA ILE A 381 16.59 0.78 9.77
C ILE A 381 16.51 1.22 11.23
N LEU A 382 16.60 2.53 11.45
CA LEU A 382 16.28 3.15 12.72
C LEU A 382 15.19 4.19 12.47
N ASN A 383 14.15 4.18 13.31
CA ASN A 383 12.97 4.98 13.06
C ASN A 383 13.18 6.43 13.52
N ASN A 384 13.52 6.63 14.79
CA ASN A 384 13.78 7.96 15.30
C ASN A 384 15.19 8.02 15.89
N TYR A 385 15.99 8.98 15.41
CA TYR A 385 17.37 9.13 15.86
C TYR A 385 17.51 10.37 16.74
N ASN A 386 17.85 10.16 18.01
CA ASN A 386 18.17 11.25 18.93
C ASN A 386 17.05 12.27 19.04
N ASN A 387 15.80 11.80 18.95
CA ASN A 387 14.62 12.64 19.08
C ASN A 387 14.65 13.79 18.07
N SER A 388 15.07 13.50 16.83
CA SER A 388 15.16 14.50 15.79
C SER A 388 14.15 14.24 14.66
N GLY A 389 13.30 13.24 14.83
CA GLY A 389 12.32 12.90 13.80
C GLY A 389 12.99 12.47 12.51
N LEU A 390 14.10 11.72 12.64
CA LEU A 390 14.90 11.32 11.50
C LEU A 390 15.00 9.80 11.46
N THR A 391 14.85 9.25 10.26
CA THR A 391 14.97 7.82 10.05
C THR A 391 16.30 7.52 9.35
N TYR A 392 17.13 6.69 9.99
CA TYR A 392 18.40 6.28 9.42
C TYR A 392 18.26 4.93 8.72
N VAL A 393 18.84 4.82 7.54
CA VAL A 393 18.65 3.64 6.71
C VAL A 393 20.01 3.22 6.15
N ARG A 394 20.25 1.91 6.15
CA ARG A 394 21.36 1.33 5.43
C ARG A 394 20.80 0.34 4.42
N GLY A 395 21.17 0.52 3.15
CA GLY A 395 20.79 -0.41 2.10
C GLY A 395 19.59 0.10 1.31
N ASP A 396 18.41 -0.46 1.58
CA ASP A 396 17.20 -0.12 0.85
C ASP A 396 16.11 0.31 1.82
N VAL A 397 15.25 1.21 1.35
CA VAL A 397 14.04 1.60 2.08
C VAL A 397 12.88 1.59 1.09
N ASN A 398 11.67 1.42 1.62
CA ASN A 398 10.47 1.28 0.80
C ASN A 398 9.55 2.47 1.08
N VAL A 399 9.27 3.25 0.04
CA VAL A 399 8.41 4.42 0.14
C VAL A 399 7.08 4.09 -0.54
N PHE A 400 5.98 4.28 0.18
CA PHE A 400 4.67 3.96 -0.35
C PHE A 400 3.69 5.03 0.10
N THR A 401 2.43 4.90 -0.33
CA THR A 401 1.40 5.85 0.02
C THR A 401 0.53 5.25 1.12
N GLY A 402 0.37 6.00 2.20
CA GLY A 402 -0.35 5.50 3.35
C GLY A 402 -1.87 5.63 3.25
N ASN A 403 -2.38 6.42 2.30
CA ASN A 403 -3.81 6.62 2.16
C ASN A 403 -4.19 6.44 0.69
N PRO A 404 -4.27 5.21 0.17
CA PRO A 404 -4.70 5.01 -1.22
C PRO A 404 -6.21 5.21 -1.41
N SER A 405 -6.91 5.72 -0.37
CA SER A 405 -8.30 6.12 -0.49
C SER A 405 -8.48 7.50 -1.12
N LEU A 406 -7.39 8.17 -1.52
CA LEU A 406 -7.51 9.50 -2.10
C LEU A 406 -8.24 9.40 -3.43
N GLN A 407 -9.05 10.43 -3.74
CA GLN A 407 -9.72 10.51 -5.04
C GLN A 407 -9.45 11.87 -5.68
N ASP A 408 -9.62 11.95 -7.00
CA ASP A 408 -9.50 13.18 -7.75
C ASP A 408 -10.62 14.14 -7.42
N ARG A 409 -10.32 15.45 -7.37
CA ARG A 409 -11.31 16.49 -7.12
C ARG A 409 -11.44 17.34 -8.38
N GLU A 410 -12.56 18.04 -8.58
CA GLU A 410 -13.58 18.29 -7.57
C GLU A 410 -14.70 17.27 -7.81
N PHE A 411 -15.23 16.67 -6.72
CA PHE A 411 -16.26 15.62 -6.81
C PHE A 411 -17.50 16.00 -6.01
N GLY A 412 -18.64 15.40 -6.36
CA GLY A 412 -19.86 15.57 -5.61
C GLY A 412 -21.07 15.56 -6.55
N GLN A 413 -22.20 16.02 -6.04
CA GLN A 413 -23.44 16.00 -6.81
C GLN A 413 -23.42 17.15 -7.81
N ALA A 414 -23.87 16.86 -9.04
CA ALA A 414 -23.94 17.88 -10.07
C ALA A 414 -25.09 18.83 -9.79
N PRO A 415 -25.02 20.09 -10.27
CA PRO A 415 -26.17 20.99 -10.19
C PRO A 415 -27.36 20.48 -10.98
N LEU A 416 -28.56 20.87 -10.55
CA LEU A 416 -29.81 20.40 -11.13
C LEU A 416 -29.82 20.62 -12.64
N GLY A 417 -30.26 19.60 -13.36
CA GLY A 417 -30.40 19.68 -14.80
C GLY A 417 -29.11 19.37 -15.56
N SER A 418 -28.05 18.94 -14.86
CA SER A 418 -26.76 18.75 -15.50
C SER A 418 -26.77 17.53 -16.42
N SER A 419 -25.75 17.43 -17.27
CA SER A 419 -25.64 16.32 -18.21
C SER A 419 -25.43 15.00 -17.48
N PHE A 420 -24.83 15.05 -16.28
CA PHE A 420 -24.65 13.88 -15.44
C PHE A 420 -25.23 14.18 -14.06
N VAL A 421 -25.51 13.11 -13.30
CA VAL A 421 -26.10 13.29 -11.99
C VAL A 421 -25.01 13.57 -10.95
N GLN A 422 -23.75 13.20 -11.27
CA GLN A 422 -22.62 13.51 -10.39
C GLN A 422 -21.56 14.24 -11.20
N ARG A 423 -20.67 14.99 -10.51
CA ARG A 423 -19.52 15.59 -11.15
C ARG A 423 -18.58 14.46 -11.60
N ARG A 424 -17.98 14.61 -12.77
CA ARG A 424 -17.08 13.62 -13.33
C ARG A 424 -15.72 14.24 -13.62
N PRO A 425 -14.87 14.48 -12.59
CA PRO A 425 -13.50 14.99 -12.81
C PRO A 425 -12.70 14.13 -13.77
N SER A 426 -11.55 14.64 -14.19
CA SER A 426 -10.72 13.93 -15.17
C SER A 426 -10.31 12.56 -14.60
N GLY A 427 -10.12 12.48 -13.27
CA GLY A 427 -9.85 11.23 -12.58
C GLY A 427 -8.37 11.00 -12.27
N PHE A 428 -8.08 10.43 -11.08
CA PHE A 428 -6.74 10.07 -10.59
C PHE A 428 -5.90 9.38 -11.64
N GLU A 429 -4.65 9.83 -11.73
CA GLU A 429 -3.76 9.25 -12.72
C GLU A 429 -2.54 8.59 -12.08
N SER A 430 -1.80 9.31 -11.24
CA SER A 430 -0.46 8.83 -10.88
C SER A 430 0.02 9.45 -9.59
N ILE A 431 1.05 8.82 -9.01
CA ILE A 431 1.75 9.29 -7.81
C ILE A 431 3.25 9.16 -8.05
N ARG A 432 4.01 10.16 -7.57
CA ARG A 432 5.46 10.20 -7.74
C ARG A 432 6.10 10.63 -6.43
N TYR A 433 7.35 10.20 -6.23
CA TYR A 433 8.08 10.46 -4.99
C TYR A 433 9.33 11.29 -5.27
N TYR A 434 9.60 12.27 -4.41
CA TYR A 434 10.67 13.22 -4.62
C TYR A 434 11.50 13.33 -3.36
N LEU A 435 12.82 13.17 -3.53
CA LEU A 435 13.75 13.37 -2.43
C LEU A 435 14.45 14.71 -2.62
N VAL A 436 14.33 15.59 -1.64
CA VAL A 436 14.87 16.93 -1.73
C VAL A 436 15.80 17.13 -0.55
N PRO A 437 17.06 17.55 -0.77
CA PRO A 437 17.96 17.80 0.36
C PRO A 437 17.39 18.88 1.28
N GLU A 438 17.58 18.70 2.58
CA GLU A 438 17.03 19.60 3.56
C GLU A 438 17.62 21.00 3.40
N THR A 439 18.91 21.08 3.06
CA THR A 439 19.60 22.35 2.91
C THR A 439 18.94 23.24 1.86
N ALA A 440 18.34 22.62 0.82
CA ALA A 440 17.67 23.36 -0.23
C ALA A 440 16.53 24.20 0.32
N PHE A 441 16.03 23.88 1.50
CA PHE A 441 14.92 24.60 2.09
C PHE A 441 15.40 25.78 2.94
N GLY A 442 16.70 26.09 2.88
CA GLY A 442 17.21 27.32 3.48
C GLY A 442 16.71 28.56 2.74
N ASN A 443 16.34 28.41 1.47
CA ASN A 443 15.72 29.46 0.69
C ASN A 443 14.24 29.56 1.09
N LYS A 444 13.92 30.57 1.90
CA LYS A 444 12.57 30.74 2.40
C LYS A 444 11.59 31.24 1.33
N ALA A 445 12.09 31.63 0.16
CA ALA A 445 11.22 32.09 -0.91
C ALA A 445 10.47 30.94 -1.58
N LEU A 446 10.83 29.69 -1.31
CA LEU A 446 10.10 28.56 -1.88
C LEU A 446 8.70 28.50 -1.30
N GLN A 447 7.74 28.11 -2.14
CA GLN A 447 6.34 28.16 -1.79
C GLN A 447 5.96 26.96 -0.92
N GLU A 448 5.06 27.23 0.04
CA GLU A 448 4.46 26.20 0.88
C GLU A 448 2.97 26.05 0.57
N SER A 449 2.24 27.18 0.63
CA SER A 449 0.80 27.21 0.46
C SER A 449 0.44 26.94 -1.00
N ASP A 450 -0.87 26.70 -1.25
CA ASP A 450 -1.39 26.46 -2.58
C ASP A 450 -0.71 25.24 -3.19
N GLU A 451 -1.14 24.08 -2.70
CA GLU A 451 -0.52 22.78 -2.96
C GLU A 451 0.02 22.62 -4.38
N MET A 452 -0.62 23.22 -5.39
CA MET A 452 -0.05 23.20 -6.73
C MET A 452 1.28 23.96 -6.78
N LEU A 453 1.34 25.10 -6.09
CA LEU A 453 2.59 25.85 -5.99
C LEU A 453 3.64 25.04 -5.22
N ARG A 454 3.21 24.34 -4.16
CA ARG A 454 4.11 23.51 -3.39
C ARG A 454 4.67 22.41 -4.29
N ALA A 455 3.84 21.82 -5.15
CA ALA A 455 4.33 20.80 -6.06
C ALA A 455 5.37 21.37 -7.02
N LYS A 456 5.11 22.56 -7.57
CA LYS A 456 6.08 23.22 -8.45
C LYS A 456 7.40 23.48 -7.72
N ALA A 457 7.32 23.96 -6.47
CA ALA A 457 8.50 24.22 -5.66
C ALA A 457 9.31 22.95 -5.42
N ILE A 458 8.61 21.84 -5.10
CA ILE A 458 9.26 20.57 -4.87
C ILE A 458 9.96 20.11 -6.15
N LYS A 459 9.29 20.26 -7.30
CA LYS A 459 9.89 19.85 -8.55
C LYS A 459 11.11 20.69 -8.89
N SER A 460 11.15 21.94 -8.41
CA SER A 460 12.25 22.85 -8.72
C SER A 460 13.55 22.36 -8.08
N VAL A 461 13.48 21.90 -6.83
CA VAL A 461 14.67 21.59 -6.06
C VAL A 461 14.85 20.09 -5.84
N ALA A 462 14.23 19.26 -6.69
CA ALA A 462 14.33 17.82 -6.53
C ALA A 462 15.70 17.34 -7.02
N THR A 463 16.27 16.37 -6.31
CA THR A 463 17.55 15.77 -6.68
C THR A 463 17.39 14.29 -7.01
N VAL A 464 16.69 13.54 -6.15
CA VAL A 464 16.38 12.15 -6.41
C VAL A 464 14.89 12.03 -6.70
N VAL A 465 14.56 11.58 -7.92
CA VAL A 465 13.17 11.46 -8.36
C VAL A 465 12.91 10.02 -8.79
N SER A 466 11.82 9.43 -8.25
CA SER A 466 11.40 8.10 -8.64
C SER A 466 10.48 8.15 -9.85
N ALA A 467 10.36 7.01 -10.54
CA ALA A 467 9.41 6.91 -11.64
C ALA A 467 7.99 6.99 -11.10
N PRO A 468 7.03 7.57 -11.84
CA PRO A 468 5.65 7.62 -11.39
C PRO A 468 5.04 6.22 -11.29
N VAL A 469 4.16 6.05 -10.30
CA VAL A 469 3.50 4.78 -10.07
C VAL A 469 2.05 4.91 -10.54
N LEU A 470 1.67 4.13 -11.55
CA LEU A 470 0.33 4.18 -12.10
C LEU A 470 -0.63 3.22 -11.38
N GLU A 471 -0.13 2.20 -10.67
CA GLU A 471 -0.98 1.21 -10.05
C GLU A 471 -0.67 1.11 -8.57
N PRO A 472 -1.65 0.76 -7.70
CA PRO A 472 -1.35 0.51 -6.29
C PRO A 472 -0.48 -0.72 -6.07
N GLY A 473 -0.36 -1.59 -7.08
CA GLY A 473 0.45 -2.79 -7.04
C GLY A 473 -0.35 -4.02 -6.62
N THR A 474 0.33 -5.17 -6.64
CA THR A 474 -0.25 -6.44 -6.22
C THR A 474 -0.57 -6.43 -4.73
N VAL A 475 -1.27 -7.48 -4.30
CA VAL A 475 -1.68 -7.62 -2.91
C VAL A 475 -0.46 -7.74 -1.99
N LYS A 476 0.57 -8.42 -2.46
CA LYS A 476 1.75 -8.68 -1.64
C LYS A 476 2.63 -7.45 -1.49
N ALA A 477 2.47 -6.44 -2.36
CA ALA A 477 3.24 -5.21 -2.29
C ALA A 477 2.42 -4.10 -1.65
N THR A 478 3.12 -3.08 -1.13
CA THR A 478 2.45 -1.94 -0.51
C THR A 478 1.87 -1.02 -1.58
N SER A 479 1.03 -0.09 -1.14
CA SER A 479 0.28 0.77 -2.05
C SER A 479 1.22 1.75 -2.76
N PHE A 480 1.34 1.61 -4.09
CA PHE A 480 2.19 2.45 -4.90
C PHE A 480 3.62 2.42 -4.35
N SER A 481 4.22 1.23 -4.37
CA SER A 481 5.51 1.00 -3.74
C SER A 481 6.62 1.47 -4.66
N ARG A 482 7.63 2.09 -4.05
CA ARG A 482 8.91 2.35 -4.70
C ARG A 482 10.03 2.03 -3.71
N VAL A 483 11.19 1.64 -4.24
CA VAL A 483 12.32 1.30 -3.40
C VAL A 483 13.46 2.27 -3.68
N ILE A 484 14.01 2.84 -2.60
CA ILE A 484 15.17 3.70 -2.71
C ILE A 484 16.38 2.93 -2.17
N GLY A 485 17.39 2.76 -3.03
CA GLY A 485 18.58 1.99 -2.70
C GLY A 485 19.76 2.89 -2.35
N SER A 486 20.67 2.37 -1.52
CA SER A 486 21.87 3.09 -1.14
C SER A 486 23.00 2.11 -0.87
N GLY A 487 24.24 2.60 -0.98
CA GLY A 487 25.42 1.80 -0.75
C GLY A 487 25.82 1.00 -1.98
N ALA A 488 26.98 0.32 -1.86
CA ALA A 488 27.56 -0.40 -2.98
C ALA A 488 26.83 -1.72 -3.20
N THR A 489 26.37 -2.36 -2.13
CA THR A 489 25.76 -3.67 -2.21
C THR A 489 24.43 -3.61 -2.98
N SER A 490 23.64 -2.57 -2.71
CA SER A 490 22.30 -2.45 -3.29
C SER A 490 22.42 -2.21 -4.80
N THR A 491 21.52 -2.86 -5.56
CA THR A 491 21.44 -2.67 -7.00
C THR A 491 20.14 -1.94 -7.39
N VAL A 492 19.41 -1.43 -6.39
CA VAL A 492 18.14 -0.79 -6.64
C VAL A 492 18.37 0.65 -7.09
N THR A 493 17.72 1.02 -8.21
CA THR A 493 17.75 2.39 -8.72
C THR A 493 16.40 3.04 -8.47
N PRO A 494 16.32 4.35 -8.16
CA PRO A 494 17.49 5.25 -8.08
C PRO A 494 18.27 5.11 -6.78
N LYS A 495 19.51 5.63 -6.76
CA LYS A 495 20.36 5.58 -5.59
C LYS A 495 20.52 6.98 -5.01
N ALA A 496 20.29 7.11 -3.70
CA ALA A 496 20.54 8.36 -3.01
C ALA A 496 22.00 8.44 -2.57
N GLN A 497 22.33 9.48 -1.79
CA GLN A 497 23.70 9.73 -1.38
C GLN A 497 23.79 9.65 0.14
N ASP A 498 24.98 9.29 0.61
CA ASP A 498 25.25 9.18 2.04
C ASP A 498 25.48 10.57 2.64
N ASN A 499 25.25 10.66 3.95
CA ASN A 499 25.54 11.87 4.72
C ASN A 499 24.72 13.07 4.23
N VAL A 500 23.53 12.82 3.67
CA VAL A 500 22.63 13.88 3.25
C VAL A 500 21.27 13.61 3.88
N THR A 501 20.69 14.62 4.54
CA THR A 501 19.36 14.50 5.10
C THR A 501 18.34 14.90 4.04
N TYR A 502 17.45 13.95 3.69
CA TYR A 502 16.48 14.14 2.63
C TYR A 502 15.09 14.30 3.22
N ARG A 503 14.31 15.20 2.60
CA ARG A 503 12.86 15.27 2.77
C ARG A 503 12.21 14.46 1.66
N VAL A 504 11.28 13.58 2.06
CA VAL A 504 10.56 12.74 1.11
C VAL A 504 9.15 13.33 0.94
N TYR A 505 8.84 13.75 -0.28
CA TYR A 505 7.53 14.27 -0.63
C TYR A 505 6.89 13.34 -1.64
N ALA A 506 5.56 13.34 -1.64
CA ALA A 506 4.78 12.64 -2.65
C ALA A 506 3.89 13.64 -3.38
N ILE A 507 3.82 13.49 -4.71
CA ILE A 507 2.95 14.33 -5.54
C ILE A 507 2.00 13.43 -6.31
N SER A 508 0.70 13.72 -6.19
CA SER A 508 -0.34 12.99 -6.91
C SER A 508 -0.95 13.86 -7.98
N ARG A 509 -1.13 13.29 -9.17
CA ARG A 509 -1.60 14.05 -10.31
C ARG A 509 -2.74 13.29 -11.02
N ASP A 510 -3.66 14.05 -11.65
CA ASP A 510 -4.83 13.49 -12.32
C ASP A 510 -4.59 13.38 -13.83
N GLN A 511 -5.62 12.98 -14.57
CA GLN A 511 -5.47 12.65 -15.98
C GLN A 511 -5.19 13.87 -16.84
N LEU A 512 -5.45 15.08 -16.34
CA LEU A 512 -5.15 16.29 -17.08
C LEU A 512 -3.81 16.90 -16.66
N GLY A 513 -3.15 16.34 -15.64
CA GLY A 513 -1.85 16.81 -15.19
C GLY A 513 -1.92 17.72 -13.95
N ASN A 514 -3.11 18.00 -13.42
CA ASN A 514 -3.21 18.78 -12.21
C ASN A 514 -2.52 18.04 -11.07
N GLU A 515 -1.65 18.74 -10.33
CA GLU A 515 -0.78 18.12 -9.33
C GLU A 515 -1.13 18.66 -7.96
N THR A 516 -0.93 17.82 -6.95
CA THR A 516 -0.99 18.25 -5.57
C THR A 516 0.12 17.57 -4.77
N ALA A 517 0.69 18.31 -3.82
CA ALA A 517 1.82 17.86 -3.05
C ALA A 517 1.33 17.45 -1.66
N SER A 518 2.13 16.63 -1.01
CA SER A 518 1.81 16.07 0.29
C SER A 518 1.71 17.18 1.34
N ALA A 519 0.82 16.98 2.30
CA ALA A 519 0.71 17.89 3.43
C ALA A 519 1.89 17.73 4.39
N THR A 520 2.61 16.60 4.29
CA THR A 520 3.72 16.28 5.18
C THR A 520 4.80 15.57 4.38
N TYR A 521 6.03 15.53 4.93
CA TYR A 521 7.14 14.83 4.31
C TYR A 521 7.72 13.83 5.31
N GLU A 522 8.69 13.03 4.83
CA GLU A 522 9.46 12.16 5.72
C GLU A 522 10.92 12.62 5.75
N LEU A 523 11.59 12.36 6.87
CA LEU A 523 12.99 12.73 7.03
C LEU A 523 13.86 11.48 7.06
N VAL A 524 14.75 11.33 6.08
CA VAL A 524 15.56 10.13 5.96
C VAL A 524 17.03 10.49 5.74
N ARG A 525 17.93 9.71 6.37
CA ARG A 525 19.37 9.78 6.13
C ARG A 525 19.91 8.39 5.83
N PHE A 526 20.99 8.34 5.07
CA PHE A 526 21.63 7.08 4.68
C PHE A 526 23.05 7.01 5.21
N ASP A 527 23.46 5.79 5.57
CA ASP A 527 24.78 5.50 6.12
C ASP A 527 25.14 4.07 5.76
N ASN A 528 26.11 3.91 4.85
CA ASN A 528 26.53 2.59 4.40
C ASN A 528 28.04 2.41 4.53
N VAL A 529 28.63 3.06 5.55
CA VAL A 529 30.06 2.97 5.77
C VAL A 529 30.30 2.62 7.23
N GLY A 530 31.12 1.58 7.44
CA GLY A 530 31.40 1.06 8.76
C GLY A 530 32.55 1.79 9.43
N PRO A 531 32.82 1.49 10.71
CA PRO A 531 33.86 2.17 11.46
C PRO A 531 35.25 1.70 11.06
N THR A 532 36.25 2.35 11.65
CA THR A 532 37.64 1.97 11.46
C THR A 532 38.34 2.01 12.82
N ILE A 533 39.41 1.22 12.93
CA ILE A 533 40.14 1.05 14.18
C ILE A 533 41.59 1.43 13.95
N THR A 534 42.15 2.14 14.93
CA THR A 534 43.53 2.59 14.90
C THR A 534 44.45 1.53 15.50
N GLY A 535 45.75 1.65 15.20
CA GLY A 535 46.75 0.69 15.65
C GLY A 535 47.02 0.78 17.15
N SER A 536 47.53 -0.33 17.70
CA SER A 536 47.97 -0.41 19.08
C SER A 536 49.41 -0.92 19.12
N VAL A 537 50.19 -0.43 20.09
CA VAL A 537 51.58 -0.85 20.21
C VAL A 537 51.92 -1.15 21.67
N ILE A 538 52.94 -1.99 21.83
CA ILE A 538 53.48 -2.38 23.13
C ILE A 538 54.99 -2.19 23.05
N ARG A 539 55.58 -1.60 24.09
CA ARG A 539 57.01 -1.32 24.13
C ARG A 539 57.57 -1.65 25.51
N ASP A 540 58.87 -1.92 25.55
CA ASP A 540 59.57 -2.23 26.78
C ASP A 540 59.89 -0.94 27.52
N THR A 541 59.56 -0.90 28.81
CA THR A 541 59.82 0.24 29.67
C THR A 541 60.69 -0.14 30.87
N SER A 542 60.98 -1.44 31.05
CA SER A 542 61.81 -1.93 32.12
C SER A 542 63.27 -2.01 31.64
N ASP A 543 64.11 -1.14 32.20
CA ASP A 543 65.52 -1.12 31.83
C ASP A 543 66.33 -2.02 32.77
N LEU A 544 65.95 -2.10 34.05
CA LEU A 544 66.70 -2.94 34.98
C LEU A 544 66.57 -4.41 34.58
N PRO A 545 67.68 -5.19 34.57
CA PRO A 545 69.01 -4.69 34.91
C PRO A 545 69.72 -3.93 33.79
N PHE A 546 69.50 -4.37 32.53
CA PHE A 546 70.09 -3.71 31.37
C PHE A 546 69.02 -3.56 30.30
N ALA A 547 68.96 -2.37 29.68
CA ALA A 547 67.87 -2.06 28.77
C ALA A 547 67.98 -2.92 27.52
N SER A 548 66.81 -3.17 26.91
CA SER A 548 66.72 -3.95 25.68
C SER A 548 67.28 -3.15 24.51
N GLN A 549 67.89 -3.86 23.55
CA GLN A 549 68.50 -3.23 22.40
C GLN A 549 67.44 -2.54 21.55
N GLU A 550 66.30 -3.20 21.33
CA GLU A 550 65.14 -2.59 20.70
C GLU A 550 63.92 -2.90 21.55
N PRO A 551 63.26 -1.89 22.17
CA PRO A 551 62.02 -2.13 22.90
C PRO A 551 60.84 -2.58 22.02
N GLU A 552 60.97 -2.40 20.70
CA GLU A 552 59.87 -2.70 19.79
C GLU A 552 59.81 -4.21 19.51
N ARG A 553 60.95 -4.90 19.56
CA ARG A 553 61.01 -6.32 19.22
C ARG A 553 61.32 -7.17 20.44
N CYS A 554 62.43 -6.89 21.13
CA CYS A 554 62.78 -7.61 22.35
C CYS A 554 62.12 -6.94 23.56
N LEU A 555 61.36 -7.73 24.33
CA LEU A 555 60.60 -7.21 25.46
C LEU A 555 60.81 -8.11 26.67
N SER A 556 60.81 -7.50 27.86
CA SER A 556 61.03 -8.24 29.09
C SER A 556 60.45 -7.47 30.27
N ASP A 557 59.96 -8.20 31.27
CA ASP A 557 59.46 -7.62 32.50
C ASP A 557 58.29 -6.69 32.21
N ILE A 558 58.20 -5.56 32.92
CA ILE A 558 57.06 -4.66 32.77
C ILE A 558 57.15 -3.93 31.42
N ALA A 559 56.01 -3.84 30.73
CA ALA A 559 55.92 -3.18 29.44
C ALA A 559 54.77 -2.17 29.47
N THR A 560 54.82 -1.23 28.53
CA THR A 560 53.75 -0.25 28.38
C THR A 560 53.03 -0.48 27.06
N ILE A 561 51.70 -0.62 27.14
CA ILE A 561 50.86 -0.79 25.96
C ILE A 561 49.96 0.43 25.81
N THR A 562 49.96 0.99 24.59
CA THR A 562 48.97 1.98 24.21
C THR A 562 48.04 1.36 23.16
N LEU A 563 46.74 1.47 23.43
CA LEU A 563 45.73 0.82 22.63
C LEU A 563 45.00 1.86 21.78
N GLY A 564 44.64 1.45 20.57
CA GLY A 564 43.86 2.28 19.67
C GLY A 564 42.39 2.27 20.04
N GLY A 565 41.59 2.78 19.09
CA GLY A 565 40.16 2.89 19.30
C GLY A 565 39.41 2.71 17.99
N ILE A 566 38.09 2.60 18.13
CA ILE A 566 37.19 2.44 16.99
C ILE A 566 36.27 3.66 16.94
N THR A 567 36.14 4.23 15.74
CA THR A 567 35.24 5.35 15.52
C THR A 567 34.49 5.15 14.22
N ASP A 568 33.21 5.52 14.21
CA ASP A 568 32.41 5.55 12.99
C ASP A 568 32.81 6.76 12.16
N ASN A 569 32.48 6.74 10.87
CA ASN A 569 32.78 7.84 9.97
C ASN A 569 32.14 9.13 10.47
N ALA A 570 32.78 10.27 10.14
CA ALA A 570 32.27 11.57 10.53
C ALA A 570 30.96 11.84 9.78
N GLY A 571 29.95 12.30 10.53
CA GLY A 571 28.66 12.63 9.96
C GLY A 571 27.71 11.44 9.87
N GLY A 572 28.18 10.23 10.24
CA GLY A 572 27.34 9.04 10.21
C GLY A 572 26.55 8.87 11.50
N VAL A 573 25.88 7.72 11.62
CA VAL A 573 24.99 7.45 12.74
C VAL A 573 25.79 7.31 14.02
N GLY A 574 27.04 6.81 13.92
CA GLY A 574 27.90 6.66 15.09
C GLY A 574 27.82 5.26 15.67
N LEU A 575 28.70 4.96 16.62
CA LEU A 575 28.69 3.68 17.32
C LEU A 575 27.57 3.68 18.35
N ASN A 576 27.20 2.47 18.80
CA ASN A 576 26.28 2.32 19.91
C ASN A 576 26.88 2.95 21.17
N PRO A 577 26.09 3.62 22.01
CA PRO A 577 26.64 4.32 23.16
C PRO A 577 27.29 3.38 24.18
N GLY A 578 28.42 3.82 24.74
CA GLY A 578 29.09 3.10 25.81
C GLY A 578 29.68 1.76 25.34
N GLN A 579 30.06 1.69 24.06
CA GLN A 579 30.62 0.48 23.50
C GLN A 579 32.06 0.72 23.08
N GLY A 580 32.97 -0.11 23.61
CA GLY A 580 34.38 -0.07 23.24
C GLY A 580 34.92 -1.48 23.05
N LEU A 581 35.88 -1.62 22.13
CA LEU A 581 36.41 -2.93 21.79
C LEU A 581 37.46 -3.36 22.83
N THR A 582 37.68 -4.68 22.89
CA THR A 582 38.61 -5.29 23.81
C THR A 582 39.83 -5.83 23.06
N PHE A 583 40.97 -5.84 23.77
CA PHE A 583 42.24 -6.23 23.17
C PHE A 583 42.83 -7.40 23.93
N THR A 584 43.52 -8.28 23.18
CA THR A 584 44.19 -9.43 23.76
C THR A 584 45.62 -9.50 23.25
N LEU A 585 46.50 -10.06 24.08
CA LEU A 585 47.85 -10.42 23.68
C LEU A 585 48.10 -11.88 24.04
N GLY A 586 48.55 -12.64 23.04
CA GLY A 586 48.73 -14.09 23.19
C GLY A 586 47.44 -14.77 23.63
N GLY A 587 47.34 -15.10 24.92
CA GLY A 587 46.17 -15.77 25.46
C GLY A 587 45.56 -15.02 26.63
N ARG A 588 45.83 -13.71 26.73
CA ARG A 588 45.36 -12.91 27.85
C ARG A 588 44.67 -11.65 27.35
N GLN A 589 43.71 -11.15 28.13
CA GLN A 589 43.13 -9.84 27.89
C GLN A 589 44.08 -8.77 28.43
N ILE A 590 44.28 -7.72 27.62
CA ILE A 590 45.23 -6.67 27.97
C ILE A 590 44.51 -5.33 28.03
N GLN A 591 44.88 -4.53 29.05
CA GLN A 591 44.38 -3.18 29.23
C GLN A 591 45.52 -2.21 28.96
N ALA A 592 45.17 -0.99 28.53
CA ALA A 592 46.17 0.04 28.25
C ALA A 592 46.90 0.43 29.54
N GLY A 593 48.23 0.55 29.43
CA GLY A 593 49.06 0.96 30.56
C GLY A 593 50.19 -0.04 30.81
N GLN A 594 50.52 -0.23 32.08
CA GLN A 594 51.60 -1.10 32.50
C GLN A 594 51.11 -2.54 32.58
N PHE A 595 51.95 -3.47 32.11
CA PHE A 595 51.57 -4.86 32.06
C PHE A 595 52.81 -5.72 32.31
N ASP A 596 52.67 -6.70 33.21
CA ASP A 596 53.74 -7.61 33.54
C ASP A 596 53.78 -8.73 32.50
N THR A 597 54.85 -8.79 31.72
CA THR A 597 54.91 -9.75 30.62
C THR A 597 55.23 -11.16 31.13
N ASN A 598 55.61 -11.29 32.41
CA ASN A 598 55.91 -12.59 32.99
C ASN A 598 54.66 -13.46 33.10
N GLN A 599 53.47 -12.85 33.00
CA GLN A 599 52.22 -13.57 33.20
C GLN A 599 51.89 -14.51 32.04
N LEU A 600 52.61 -14.40 30.92
CA LEU A 600 52.40 -15.32 29.80
C LEU A 600 53.75 -15.84 29.31
N ALA A 601 53.72 -16.97 28.60
CA ALA A 601 54.90 -17.70 28.19
C ALA A 601 55.73 -16.90 27.19
N ASP A 602 56.91 -17.42 26.86
CA ASP A 602 57.78 -16.81 25.88
C ASP A 602 57.40 -17.22 24.46
N GLY A 603 57.86 -16.42 23.50
CA GLY A 603 57.61 -16.64 22.08
C GLY A 603 57.16 -15.36 21.38
N GLU A 604 56.65 -15.53 20.16
CA GLU A 604 56.15 -14.42 19.37
C GLU A 604 54.65 -14.20 19.65
N TYR A 605 54.29 -12.94 19.89
CA TYR A 605 52.91 -12.57 20.18
C TYR A 605 52.57 -11.26 19.47
N THR A 606 51.29 -11.10 19.13
CA THR A 606 50.79 -9.90 18.49
C THR A 606 49.47 -9.50 19.14
N ILE A 607 49.19 -8.20 19.13
CA ILE A 607 47.98 -7.68 19.75
C ILE A 607 46.81 -7.92 18.81
N GLY A 608 45.74 -8.52 19.35
CA GLY A 608 44.52 -8.77 18.59
C GLY A 608 43.35 -8.00 19.18
N PHE A 609 42.31 -7.80 18.37
CA PHE A 609 41.14 -7.02 18.75
C PHE A 609 39.89 -7.63 18.14
N ASN A 610 38.75 -7.38 18.78
CA ASN A 610 37.47 -7.82 18.25
C ASN A 610 36.89 -6.73 17.35
N SER A 611 36.03 -7.15 16.42
CA SER A 611 35.37 -6.24 15.49
C SER A 611 33.97 -5.88 16.00
N LEU A 612 33.63 -4.60 15.93
CA LEU A 612 32.31 -4.10 16.27
C LEU A 612 31.74 -3.31 15.09
N THR A 613 30.43 -3.44 14.86
CA THR A 613 29.75 -2.64 13.85
C THR A 613 29.20 -1.36 14.46
N ASP A 614 28.73 -0.46 13.60
CA ASP A 614 28.11 0.80 14.02
C ASP A 614 26.65 0.55 14.41
N ALA A 615 25.92 1.63 14.69
CA ALA A 615 24.53 1.54 15.10
C ALA A 615 23.63 0.96 14.00
N LEU A 616 24.03 1.10 12.75
CA LEU A 616 23.27 0.56 11.63
C LEU A 616 23.80 -0.82 11.22
N GLY A 617 24.73 -1.39 11.98
CA GLY A 617 25.25 -2.72 11.67
C GLY A 617 26.13 -2.73 10.43
N ASN A 618 26.95 -1.69 10.27
CA ASN A 618 27.88 -1.66 9.15
C ASN A 618 29.20 -2.31 9.55
N PRO A 619 29.70 -3.31 8.78
CA PRO A 619 30.95 -3.98 9.13
C PRO A 619 32.17 -3.03 9.12
N VAL A 620 33.21 -3.41 9.85
CA VAL A 620 34.41 -2.59 9.95
C VAL A 620 35.07 -2.48 8.59
N VAL A 621 35.44 -1.25 8.22
CA VAL A 621 35.93 -0.96 6.88
C VAL A 621 37.42 -1.29 6.79
N SER A 622 38.21 -0.73 7.72
CA SER A 622 39.65 -0.89 7.72
C SER A 622 40.12 -1.23 9.13
N ALA A 623 40.97 -2.26 9.24
CA ALA A 623 41.54 -2.69 10.50
C ALA A 623 43.07 -2.69 10.38
N PRO A 624 43.80 -2.29 11.43
CA PRO A 624 45.25 -2.16 11.35
C PRO A 624 45.92 -3.50 11.58
N THR A 625 47.22 -3.54 11.28
CA THR A 625 48.09 -4.66 11.57
C THR A 625 49.03 -4.22 12.68
N ASN A 626 49.05 -4.97 13.78
CA ASN A 626 49.91 -4.64 14.91
C ASN A 626 51.26 -5.33 14.76
N ALA A 627 52.27 -4.78 15.45
CA ALA A 627 53.62 -5.31 15.43
C ALA A 627 53.73 -6.64 16.18
N LYS A 628 54.62 -7.51 15.68
CA LYS A 628 54.94 -8.77 16.35
C LYS A 628 56.10 -8.54 17.32
N VAL A 629 55.90 -8.95 18.58
CA VAL A 629 56.90 -8.76 19.61
C VAL A 629 57.29 -10.13 20.17
N TYR A 630 58.59 -10.31 20.46
CA TYR A 630 59.06 -11.53 21.11
C TYR A 630 59.27 -11.23 22.59
N ILE A 631 58.77 -12.13 23.43
CA ILE A 631 58.92 -12.00 24.87
C ILE A 631 59.98 -12.99 25.36
N ASP A 632 61.05 -12.47 25.97
CA ASP A 632 62.16 -13.31 26.40
C ASP A 632 62.56 -12.89 27.82
N ASN A 633 62.13 -13.69 28.80
CA ASN A 633 62.46 -13.46 30.20
C ASN A 633 63.44 -14.54 30.65
N PRO B 531 42.47 -25.31 21.08
CA PRO B 531 41.40 -24.72 21.91
C PRO B 531 40.08 -24.69 21.14
N THR B 532 39.04 -25.31 21.71
CA THR B 532 37.75 -25.39 21.05
C THR B 532 36.77 -24.41 21.68
N ILE B 533 35.89 -23.86 20.84
CA ILE B 533 34.88 -22.91 21.26
C ILE B 533 33.51 -23.41 20.81
N THR B 534 32.52 -23.27 21.70
CA THR B 534 31.16 -23.73 21.42
C THR B 534 30.30 -22.56 20.97
N GLY B 535 29.27 -22.87 20.19
CA GLY B 535 28.34 -21.88 19.67
C GLY B 535 27.40 -21.35 20.76
N SER B 536 26.86 -20.16 20.50
CA SER B 536 25.92 -19.51 21.40
C SER B 536 24.55 -19.40 20.71
N VAL B 537 23.49 -19.26 21.53
CA VAL B 537 22.14 -19.20 21.00
C VAL B 537 21.40 -18.03 21.63
N ILE B 538 20.69 -17.26 20.78
CA ILE B 538 19.78 -16.23 21.26
C ILE B 538 18.38 -16.56 20.76
N ARG B 539 17.41 -16.49 21.66
CA ARG B 539 16.04 -16.91 21.35
C ARG B 539 15.04 -15.92 21.93
N ASP B 540 13.89 -15.80 21.26
CA ASP B 540 12.82 -14.93 21.70
C ASP B 540 12.07 -15.59 22.86
N THR B 541 11.95 -14.86 23.97
CA THR B 541 11.24 -15.36 25.13
C THR B 541 10.22 -14.36 25.64
N SER B 542 9.85 -13.38 24.79
CA SER B 542 8.88 -12.35 25.15
C SER B 542 7.60 -12.63 24.37
N ASP B 543 6.58 -13.15 25.05
CA ASP B 543 5.36 -13.59 24.39
C ASP B 543 4.36 -12.44 24.29
N LEU B 544 4.28 -11.57 25.29
CA LEU B 544 3.41 -10.40 25.19
C LEU B 544 3.89 -9.49 24.06
N PRO B 545 2.98 -8.99 23.20
CA PRO B 545 1.54 -9.29 23.26
C PRO B 545 1.16 -10.63 22.65
N PHE B 546 1.86 -11.03 21.57
CA PHE B 546 1.64 -12.30 20.92
C PHE B 546 3.00 -12.94 20.66
N ALA B 547 3.16 -14.22 20.99
CA ALA B 547 4.40 -14.93 20.74
C ALA B 547 4.79 -14.93 19.26
N SER B 548 6.10 -14.98 19.03
CA SER B 548 6.67 -15.02 17.70
C SER B 548 6.46 -16.40 17.07
N GLN B 549 6.28 -16.43 15.75
CA GLN B 549 6.15 -17.67 15.01
C GLN B 549 7.41 -18.52 15.14
N GLU B 550 8.59 -17.90 15.01
CA GLU B 550 9.86 -18.61 15.07
C GLU B 550 10.72 -17.97 16.15
N PRO B 551 10.73 -18.52 17.38
CA PRO B 551 11.37 -17.85 18.52
C PRO B 551 12.89 -17.83 18.49
N GLU B 552 13.49 -18.22 17.37
CA GLU B 552 14.92 -18.29 17.24
C GLU B 552 15.38 -17.71 15.90
N ARG B 553 14.44 -17.20 15.09
CA ARG B 553 14.79 -16.43 13.91
C ARG B 553 14.31 -15.01 14.18
N CYS B 554 13.01 -14.71 13.96
CA CYS B 554 12.42 -13.41 14.26
C CYS B 554 12.44 -13.16 15.76
N LEU B 555 12.86 -11.97 16.17
CA LEU B 555 13.04 -11.63 17.57
C LEU B 555 12.37 -10.30 17.88
N SER B 556 11.85 -10.14 19.10
CA SER B 556 11.14 -8.93 19.47
C SER B 556 11.24 -8.72 20.96
N ASP B 557 11.47 -7.49 21.39
CA ASP B 557 11.55 -7.15 22.80
C ASP B 557 12.66 -7.95 23.50
N ILE B 558 12.41 -8.45 24.72
CA ILE B 558 13.41 -9.15 25.51
C ILE B 558 13.69 -10.53 24.88
N ALA B 559 14.97 -10.94 24.87
CA ALA B 559 15.38 -12.26 24.43
C ALA B 559 16.32 -12.88 25.47
N THR B 560 16.53 -14.19 25.35
CA THR B 560 17.43 -14.91 26.22
C THR B 560 18.63 -15.38 25.40
N ILE B 561 19.83 -15.10 25.90
CA ILE B 561 21.07 -15.52 25.27
C ILE B 561 21.79 -16.51 26.18
N THR B 562 22.19 -17.64 25.60
CA THR B 562 23.11 -18.56 26.25
C THR B 562 24.42 -18.54 25.47
N LEU B 563 25.53 -18.27 26.16
CA LEU B 563 26.83 -18.15 25.53
C LEU B 563 27.66 -19.39 25.84
N GLY B 564 28.48 -19.79 24.86
CA GLY B 564 29.36 -20.93 25.00
C GLY B 564 30.62 -20.57 25.78
N GLY B 565 31.76 -21.13 25.35
CA GLY B 565 33.00 -20.89 26.06
C GLY B 565 34.18 -21.44 25.27
N ILE B 566 35.37 -21.27 25.84
CA ILE B 566 36.60 -21.77 25.28
C ILE B 566 37.22 -22.76 26.25
N THR B 567 37.66 -23.92 25.73
CA THR B 567 38.36 -24.91 26.52
C THR B 567 39.58 -25.39 25.74
N ASP B 568 40.67 -25.65 26.47
CA ASP B 568 41.88 -26.19 25.89
C ASP B 568 41.71 -27.69 25.68
N ASN B 569 42.51 -28.25 24.78
CA ASN B 569 42.43 -29.67 24.47
C ASN B 569 42.81 -30.48 25.70
N ALA B 570 42.21 -31.67 25.87
CA ALA B 570 42.47 -32.52 27.01
C ALA B 570 43.92 -33.00 26.99
N GLY B 571 44.59 -32.89 28.15
CA GLY B 571 46.00 -33.24 28.27
C GLY B 571 46.95 -32.11 27.86
N GLY B 572 46.40 -30.94 27.52
CA GLY B 572 47.20 -29.77 27.17
C GLY B 572 47.49 -28.96 28.43
N VAL B 573 48.05 -27.77 28.21
CA VAL B 573 48.52 -26.92 29.29
C VAL B 573 47.34 -26.34 30.08
N GLY B 574 46.23 -26.10 29.38
CA GLY B 574 44.97 -25.76 30.03
C GLY B 574 44.61 -24.27 30.03
N LEU B 575 45.17 -23.49 29.09
CA LEU B 575 44.77 -22.12 28.85
C LEU B 575 45.26 -21.19 29.97
N ASN B 576 45.43 -19.92 29.62
CA ASN B 576 45.77 -18.89 30.59
C ASN B 576 44.61 -18.77 31.57
N PRO B 577 44.87 -18.41 32.85
CA PRO B 577 43.85 -18.44 33.89
C PRO B 577 43.09 -17.12 34.09
N GLY B 578 41.79 -17.26 34.33
CA GLY B 578 40.89 -16.13 34.46
C GLY B 578 40.64 -15.41 33.14
N GLN B 579 40.87 -16.11 32.01
CA GLN B 579 40.71 -15.54 30.69
C GLN B 579 39.55 -16.23 29.98
N GLY B 580 38.61 -15.42 29.48
CA GLY B 580 37.43 -15.90 28.81
C GLY B 580 37.12 -15.09 27.55
N LEU B 581 36.20 -15.62 26.74
CA LEU B 581 35.80 -14.96 25.51
C LEU B 581 34.80 -13.85 25.82
N THR B 582 34.81 -12.82 24.96
CA THR B 582 33.81 -11.77 24.98
C THR B 582 32.97 -11.88 23.70
N PHE B 583 31.66 -11.65 23.85
CA PHE B 583 30.74 -11.83 22.74
C PHE B 583 30.06 -10.52 22.39
N THR B 584 29.80 -10.34 21.09
CA THR B 584 29.15 -9.15 20.58
C THR B 584 28.04 -9.54 19.62
N LEU B 585 27.03 -8.67 19.53
CA LEU B 585 25.92 -8.84 18.60
C LEU B 585 25.68 -7.52 17.86
N GLY B 586 26.30 -7.43 16.68
CA GLY B 586 26.15 -6.31 15.76
C GLY B 586 26.35 -4.94 16.40
N GLY B 587 27.47 -4.73 17.09
CA GLY B 587 27.81 -3.40 17.59
C GLY B 587 27.49 -3.19 19.07
N ARG B 588 27.02 -4.24 19.75
CA ARG B 588 26.88 -4.21 21.20
C ARG B 588 27.63 -5.39 21.82
N GLN B 589 28.23 -5.16 22.99
CA GLN B 589 28.75 -6.24 23.80
C GLN B 589 27.60 -6.91 24.54
N ILE B 590 27.54 -8.24 24.48
CA ILE B 590 26.41 -9.00 25.01
C ILE B 590 26.91 -9.96 26.08
N GLN B 591 26.11 -10.08 27.15
CA GLN B 591 26.36 -11.05 28.20
C GLN B 591 25.21 -12.05 28.24
N ALA B 592 25.49 -13.25 28.76
CA ALA B 592 24.48 -14.30 28.86
C ALA B 592 23.36 -13.85 29.80
N GLY B 593 22.12 -14.12 29.39
CA GLY B 593 20.96 -13.78 30.20
C GLY B 593 19.91 -13.05 29.38
N GLN B 594 19.25 -12.07 30.00
CA GLN B 594 18.18 -11.33 29.34
C GLN B 594 18.78 -10.12 28.61
N PHE B 595 18.34 -9.92 27.37
CA PHE B 595 18.88 -8.86 26.53
C PHE B 595 17.73 -8.16 25.82
N ASP B 596 17.68 -6.83 25.91
CA ASP B 596 16.61 -6.06 25.29
C ASP B 596 17.01 -5.74 23.85
N THR B 597 16.27 -6.29 22.89
CA THR B 597 16.62 -6.11 21.48
C THR B 597 16.30 -4.70 20.97
N ASN B 598 15.61 -3.88 21.78
CA ASN B 598 15.35 -2.49 21.42
C ASN B 598 16.64 -1.67 21.32
N GLN B 599 17.73 -2.15 21.92
CA GLN B 599 19.01 -1.48 21.86
C GLN B 599 19.67 -1.60 20.48
N LEU B 600 19.13 -2.45 19.60
CA LEU B 600 19.70 -2.64 18.28
C LEU B 600 18.68 -2.22 17.22
N ALA B 601 19.18 -1.90 16.02
CA ALA B 601 18.32 -1.59 14.90
C ALA B 601 17.68 -2.87 14.37
N ASP B 602 16.62 -2.71 13.58
CA ASP B 602 15.96 -3.84 12.98
C ASP B 602 16.81 -4.36 11.83
N GLY B 603 17.09 -5.66 11.83
CA GLY B 603 17.85 -6.24 10.72
C GLY B 603 18.47 -7.56 11.10
N GLU B 604 19.36 -8.05 10.24
CA GLU B 604 19.96 -9.37 10.38
C GLU B 604 21.28 -9.26 11.15
N TYR B 605 21.45 -10.16 12.13
CA TYR B 605 22.62 -10.16 12.99
C TYR B 605 23.05 -11.59 13.29
N THR B 606 24.32 -11.75 13.72
CA THR B 606 24.84 -12.99 14.24
C THR B 606 25.71 -12.71 15.46
N ILE B 607 25.68 -13.63 16.44
CA ILE B 607 26.52 -13.49 17.62
C ILE B 607 27.98 -13.74 17.25
N GLY B 608 28.84 -12.79 17.63
CA GLY B 608 30.25 -12.83 17.29
C GLY B 608 31.11 -12.98 18.55
N PHE B 609 32.36 -13.44 18.36
CA PHE B 609 33.27 -13.67 19.46
C PHE B 609 34.70 -13.42 18.99
N ASN B 610 35.58 -13.16 19.97
CA ASN B 610 36.99 -12.97 19.70
C ASN B 610 37.71 -14.32 19.73
N SER B 611 38.86 -14.38 19.04
CA SER B 611 39.72 -15.55 19.04
C SER B 611 40.80 -15.40 20.11
N LEU B 612 40.94 -16.45 20.95
CA LEU B 612 41.92 -16.49 22.02
C LEU B 612 42.78 -17.74 21.90
N THR B 613 44.09 -17.58 22.06
CA THR B 613 45.03 -18.69 21.93
C THR B 613 45.28 -19.32 23.29
N ASP B 614 45.96 -20.47 23.30
CA ASP B 614 46.26 -21.17 24.53
C ASP B 614 47.51 -20.57 25.19
N ALA B 615 47.95 -21.19 26.29
CA ALA B 615 49.10 -20.68 27.02
C ALA B 615 50.39 -20.80 26.20
N LEU B 616 50.46 -21.78 25.29
CA LEU B 616 51.62 -21.95 24.43
C LEU B 616 51.48 -21.20 23.11
N GLY B 617 50.39 -20.44 22.95
CA GLY B 617 50.23 -19.60 21.77
C GLY B 617 49.63 -20.33 20.58
N ASN B 618 49.15 -21.57 20.74
CA ASN B 618 48.47 -22.27 19.67
C ASN B 618 47.16 -21.58 19.34
N PRO B 619 46.86 -21.31 18.04
CA PRO B 619 45.60 -20.67 17.67
C PRO B 619 44.39 -21.56 17.94
N VAL B 620 43.21 -20.97 17.75
CA VAL B 620 41.96 -21.72 17.84
C VAL B 620 41.88 -22.69 16.67
N VAL B 621 41.46 -23.92 16.97
CA VAL B 621 41.42 -24.99 15.98
C VAL B 621 40.15 -24.89 15.13
N SER B 622 38.98 -24.76 15.79
CA SER B 622 37.70 -24.76 15.10
C SER B 622 36.80 -23.66 15.65
N ALA B 623 35.96 -23.11 14.76
CA ALA B 623 34.99 -22.08 15.13
C ALA B 623 33.60 -22.52 14.72
N PRO B 624 32.57 -22.29 15.57
CA PRO B 624 31.18 -22.58 15.19
C PRO B 624 30.59 -21.43 14.39
N THR B 625 29.74 -21.77 13.41
CA THR B 625 28.99 -20.76 12.68
C THR B 625 27.66 -20.54 13.41
N ASN B 626 27.57 -19.43 14.15
CA ASN B 626 26.40 -19.15 14.96
C ASN B 626 25.22 -18.78 14.06
N ALA B 627 24.02 -19.03 14.59
CA ALA B 627 22.75 -18.85 13.87
C ALA B 627 22.49 -17.39 13.53
N LYS B 628 21.85 -17.19 12.37
CA LYS B 628 21.48 -15.86 11.91
C LYS B 628 20.08 -15.50 12.42
N VAL B 629 19.96 -14.32 13.02
CA VAL B 629 18.70 -13.87 13.62
C VAL B 629 18.26 -12.54 13.01
N TYR B 630 16.97 -12.23 13.18
CA TYR B 630 16.40 -10.97 12.71
C TYR B 630 15.71 -10.26 13.86
N ILE B 631 16.04 -8.98 14.05
CA ILE B 631 15.43 -8.18 15.08
C ILE B 631 14.41 -7.25 14.44
N ASP B 632 13.18 -7.34 14.93
CA ASP B 632 12.08 -6.53 14.46
C ASP B 632 11.29 -6.04 15.67
N ASN B 633 11.36 -4.75 16.00
CA ASN B 633 10.56 -4.19 17.09
C ASN B 633 9.57 -3.16 16.55
N THR B 634 9.03 -3.37 15.34
CA THR B 634 8.14 -2.39 14.73
C THR B 634 6.82 -3.04 14.33
N ASP B 635 5.72 -2.47 14.84
CA ASP B 635 4.38 -2.94 14.58
C ASP B 635 4.03 -2.70 13.11
N PRO B 636 3.17 -3.54 12.51
CA PRO B 636 2.74 -3.30 11.13
C PRO B 636 1.98 -1.99 10.99
N THR B 637 2.11 -1.38 9.80
CA THR B 637 1.33 -0.22 9.45
C THR B 637 0.01 -0.70 8.86
N VAL B 638 -1.10 -0.19 9.40
CA VAL B 638 -2.42 -0.63 9.05
C VAL B 638 -3.33 0.57 8.81
N ASN B 639 -4.17 0.50 7.77
CA ASN B 639 -5.11 1.56 7.49
C ASN B 639 -6.35 1.01 6.78
N PHE B 640 -7.40 1.83 6.75
CA PHE B 640 -8.62 1.53 6.01
C PHE B 640 -8.74 2.45 4.79
N ASN B 641 -9.14 1.88 3.65
CA ASN B 641 -9.42 2.67 2.48
C ASN B 641 -10.94 2.88 2.32
N ARG B 642 -11.72 1.81 2.49
CA ARG B 642 -13.17 1.95 2.39
C ARG B 642 -13.76 2.24 3.78
N ALA B 643 -14.93 2.89 3.79
CA ALA B 643 -15.60 3.36 4.99
C ALA B 643 -14.77 4.44 5.67
N VAL B 644 -14.30 5.42 4.90
CA VAL B 644 -13.54 6.53 5.43
C VAL B 644 -14.23 7.85 5.09
N MET B 645 -13.97 8.88 5.89
CA MET B 645 -14.54 10.21 5.68
C MET B 645 -16.06 10.12 5.63
N GLN B 646 -16.64 9.52 6.66
CA GLN B 646 -17.94 8.90 6.52
C GLN B 646 -19.11 9.72 7.01
N GLY B 647 -20.23 9.40 6.36
CA GLY B 647 -21.51 9.80 6.87
C GLY B 647 -22.17 8.64 7.59
N THR B 648 -23.19 8.05 6.93
CA THR B 648 -24.11 7.16 7.62
C THR B 648 -24.38 5.94 6.76
N PHE B 649 -24.77 4.87 7.47
CA PHE B 649 -25.30 3.66 6.85
C PHE B 649 -26.63 3.32 7.49
N ALA B 650 -27.45 2.56 6.75
CA ALA B 650 -28.71 2.04 7.29
C ALA B 650 -28.49 0.62 7.83
N SER B 651 -29.18 0.30 8.92
CA SER B 651 -29.21 -1.04 9.50
C SER B 651 -29.69 -2.04 8.47
N GLY B 652 -28.98 -3.17 8.37
CA GLY B 652 -29.41 -4.25 7.50
C GLY B 652 -28.72 -4.23 6.13
N GLU B 653 -28.13 -3.10 5.75
CA GLU B 653 -27.41 -3.05 4.48
C GLU B 653 -25.98 -3.52 4.70
N ARG B 654 -25.41 -4.13 3.67
CA ARG B 654 -24.05 -4.61 3.74
C ARG B 654 -23.10 -3.40 3.60
N VAL B 655 -22.02 -3.44 4.37
CA VAL B 655 -20.98 -2.42 4.32
C VAL B 655 -19.69 -3.07 3.83
N SER B 656 -19.09 -2.50 2.77
CA SER B 656 -17.78 -2.91 2.28
C SER B 656 -16.68 -2.37 3.19
N VAL B 657 -15.94 -3.24 3.87
CA VAL B 657 -14.85 -2.83 4.75
C VAL B 657 -13.55 -3.35 4.15
N GLU B 658 -12.65 -2.43 3.81
CA GLU B 658 -11.39 -2.78 3.16
C GLU B 658 -10.25 -2.21 3.97
N SER B 659 -9.23 -3.04 4.26
CA SER B 659 -8.09 -2.61 5.04
C SER B 659 -6.80 -3.13 4.41
N ASP B 660 -5.72 -2.38 4.64
CA ASP B 660 -4.39 -2.75 4.17
C ASP B 660 -3.41 -2.77 5.35
N ALA B 661 -2.47 -3.72 5.30
CA ALA B 661 -1.42 -3.84 6.31
C ALA B 661 -0.09 -4.12 5.63
N SER B 662 1.00 -3.66 6.28
CA SER B 662 2.35 -3.92 5.79
C SER B 662 3.32 -3.99 6.97
N ASP B 663 4.39 -4.78 6.80
CA ASP B 663 5.47 -4.85 7.79
C ASP B 663 6.79 -5.01 7.03
N GLY B 664 7.75 -4.15 7.36
CA GLY B 664 9.06 -4.18 6.70
C GLY B 664 9.94 -5.31 7.23
N GLY B 665 9.75 -5.66 8.51
CA GLY B 665 10.61 -6.63 9.19
C GLY B 665 10.27 -8.08 8.86
N CYS B 666 9.75 -8.84 9.84
CA CYS B 666 9.56 -10.28 9.65
C CYS B 666 8.27 -10.62 8.89
N GLY B 667 7.30 -9.68 8.77
CA GLY B 667 6.21 -9.81 7.81
C GLY B 667 4.85 -9.92 8.48
N VAL B 668 3.78 -9.77 7.70
CA VAL B 668 2.42 -9.83 8.20
C VAL B 668 2.05 -11.31 8.43
N TYR B 669 1.38 -11.63 9.55
CA TYR B 669 0.90 -12.98 9.77
C TYR B 669 -0.63 -13.05 9.84
N GLU B 670 -1.26 -12.46 10.86
CA GLU B 670 -2.68 -12.64 11.12
C GLU B 670 -3.41 -11.31 11.14
N THR B 671 -4.62 -11.29 10.57
CA THR B 671 -5.47 -10.11 10.54
C THR B 671 -6.88 -10.47 11.01
N ARG B 672 -7.45 -9.64 11.88
CA ARG B 672 -8.82 -9.80 12.32
C ARG B 672 -9.57 -8.47 12.24
N LEU B 673 -10.89 -8.54 11.96
CA LEU B 673 -11.74 -7.35 11.88
C LEU B 673 -12.85 -7.42 12.91
N PHE B 674 -13.11 -6.31 13.57
CA PHE B 674 -14.12 -6.23 14.61
C PHE B 674 -14.98 -5.01 14.39
N TRP B 675 -16.22 -5.06 14.91
CA TRP B 675 -17.10 -3.91 14.98
C TRP B 675 -17.39 -3.63 16.45
N ASP B 676 -17.31 -2.37 16.85
CA ASP B 676 -17.42 -2.01 18.26
C ASP B 676 -18.37 -0.83 18.40
N THR B 677 -19.05 -0.76 19.53
CA THR B 677 -20.01 0.30 19.80
C THR B 677 -19.39 1.36 20.72
N ASP B 678 -18.52 0.94 21.64
CA ASP B 678 -17.95 1.82 22.64
C ASP B 678 -16.47 1.98 22.37
N ASN B 679 -15.94 3.18 22.69
CA ASN B 679 -14.54 3.49 22.48
C ASN B 679 -13.97 4.14 23.74
N GLY B 680 -12.68 3.89 23.98
CA GLY B 680 -11.98 4.45 25.12
C GLY B 680 -12.51 3.97 26.47
N VAL B 681 -12.84 2.68 26.55
CA VAL B 681 -13.33 2.06 27.78
C VAL B 681 -12.54 0.77 28.00
N VAL B 682 -12.14 0.54 29.26
CA VAL B 682 -11.33 -0.62 29.60
C VAL B 682 -11.96 -1.44 30.72
N ASP B 683 -13.15 -1.03 31.22
CA ASP B 683 -13.82 -1.76 32.28
C ASP B 683 -14.43 -3.03 31.68
N ASP B 684 -13.70 -4.15 31.74
CA ASP B 684 -14.19 -5.42 31.26
C ASP B 684 -15.29 -5.91 32.21
N ALA B 685 -15.82 -7.11 31.94
CA ALA B 685 -16.78 -7.73 32.82
C ALA B 685 -18.09 -6.93 32.86
N THR B 686 -18.32 -6.10 31.83
CA THR B 686 -19.57 -5.39 31.69
C THR B 686 -19.99 -5.45 30.22
N THR B 687 -21.30 -5.41 30.00
CA THR B 687 -21.85 -5.52 28.67
C THR B 687 -23.05 -4.59 28.56
N THR B 688 -22.94 -3.61 27.68
CA THR B 688 -24.01 -2.66 27.44
C THR B 688 -25.10 -3.33 26.61
N PRO B 689 -26.32 -2.77 26.57
CA PRO B 689 -27.36 -3.24 25.66
C PRO B 689 -26.94 -3.37 24.21
N ALA B 690 -25.93 -2.59 23.80
CA ALA B 690 -25.35 -2.74 22.47
C ALA B 690 -24.02 -3.49 22.54
N ILE B 691 -23.91 -4.44 23.49
CA ILE B 691 -22.72 -5.25 23.71
C ILE B 691 -21.60 -4.37 24.25
N GLY B 692 -21.00 -3.54 23.39
CA GLY B 692 -19.94 -2.63 23.81
C GLY B 692 -18.54 -3.28 23.80
N HIS B 693 -18.42 -4.45 23.18
CA HIS B 693 -17.15 -5.13 23.02
C HIS B 693 -16.90 -5.28 21.53
N PRO B 694 -15.64 -5.31 21.08
CA PRO B 694 -15.37 -5.62 19.69
C PRO B 694 -15.87 -7.02 19.37
N VAL B 695 -16.51 -7.15 18.20
CA VAL B 695 -17.10 -8.39 17.77
C VAL B 695 -16.52 -8.73 16.40
N GLN B 696 -15.87 -9.89 16.32
CA GLN B 696 -15.18 -10.26 15.11
C GLN B 696 -16.20 -10.58 14.01
N PHE B 697 -15.89 -10.15 12.78
CA PHE B 697 -16.68 -10.52 11.63
C PHE B 697 -15.85 -10.87 10.40
N ALA B 698 -14.52 -10.81 10.50
CA ALA B 698 -13.67 -11.25 9.41
C ALA B 698 -12.29 -11.63 9.95
N ARG B 699 -11.59 -12.51 9.24
CA ARG B 699 -10.27 -12.94 9.65
C ARG B 699 -9.50 -13.46 8.45
N GLN B 700 -8.17 -13.40 8.53
CA GLN B 700 -7.31 -13.85 7.43
C GLN B 700 -5.91 -14.14 7.96
N ARG B 701 -5.23 -15.07 7.29
CA ARG B 701 -3.87 -15.47 7.64
C ARG B 701 -3.02 -15.51 6.38
N VAL B 702 -1.77 -15.06 6.51
CA VAL B 702 -0.81 -15.08 5.42
C VAL B 702 0.20 -16.19 5.71
N THR B 703 0.39 -17.08 4.74
CA THR B 703 1.21 -18.27 4.96
C THR B 703 2.69 -17.92 4.96
N ASP B 704 3.14 -17.13 3.98
CA ASP B 704 4.55 -16.96 3.71
C ASP B 704 5.14 -15.73 4.42
N GLY B 705 4.34 -15.03 5.23
CA GLY B 705 4.82 -13.82 5.88
C GLY B 705 5.22 -12.74 4.88
N ALA B 706 4.33 -12.48 3.92
CA ALA B 706 4.56 -11.45 2.90
C ALA B 706 4.63 -10.07 3.55
N LYS B 707 5.25 -9.15 2.82
CA LYS B 707 5.52 -7.82 3.35
C LYS B 707 4.23 -7.00 3.46
N ALA B 708 3.20 -7.34 2.68
CA ALA B 708 1.94 -6.62 2.70
C ALA B 708 0.77 -7.57 2.46
N ASP B 709 -0.41 -7.15 2.94
CA ASP B 709 -1.63 -7.90 2.70
C ASP B 709 -2.84 -6.97 2.80
N SER B 710 -3.97 -7.44 2.27
CA SER B 710 -5.20 -6.67 2.25
C SER B 710 -6.37 -7.56 2.67
N LEU B 711 -7.18 -7.07 3.61
CA LEU B 711 -8.37 -7.78 4.06
C LEU B 711 -9.62 -7.02 3.64
N ASN B 712 -10.44 -7.67 2.79
CA ASN B 712 -11.67 -7.08 2.31
C ASN B 712 -12.84 -7.95 2.76
N ALA B 713 -13.84 -7.34 3.35
CA ALA B 713 -14.95 -8.07 3.93
C ALA B 713 -16.23 -7.24 3.83
N GLY B 714 -17.34 -7.88 4.17
CA GLY B 714 -18.62 -7.19 4.25
C GLY B 714 -19.25 -7.41 5.62
N TRP B 715 -19.81 -6.36 6.20
CA TRP B 715 -20.51 -6.46 7.46
C TRP B 715 -21.96 -6.03 7.31
N ASN B 716 -22.89 -6.82 7.85
CA ASN B 716 -24.30 -6.43 7.86
C ASN B 716 -24.54 -5.51 9.06
N ALA B 717 -24.87 -4.25 8.77
CA ALA B 717 -24.93 -3.24 9.80
C ALA B 717 -26.02 -3.59 10.81
N LEU B 718 -25.71 -3.40 12.08
CA LEU B 718 -26.64 -3.66 13.16
C LEU B 718 -26.76 -2.41 14.02
N GLN B 719 -27.94 -2.19 14.60
CA GLN B 719 -28.18 -1.03 15.44
C GLN B 719 -29.36 -1.30 16.35
N LEU B 720 -29.41 -0.59 17.47
CA LEU B 720 -30.55 -0.66 18.38
C LEU B 720 -31.76 -0.05 17.70
N PRO B 721 -32.98 -0.51 18.03
CA PRO B 721 -34.18 -0.06 17.30
C PRO B 721 -34.40 1.44 17.42
N ASN B 722 -34.70 2.08 16.28
CA ASN B 722 -35.03 3.50 16.22
C ASN B 722 -33.91 4.32 16.86
N GLY B 723 -32.65 3.95 16.57
CA GLY B 723 -31.49 4.60 17.14
C GLY B 723 -30.49 5.00 16.06
N ALA B 724 -29.73 6.06 16.34
CA ALA B 724 -28.64 6.51 15.50
C ALA B 724 -27.37 6.55 16.34
N GLY B 725 -26.31 5.92 15.85
CA GLY B 725 -25.10 5.79 16.65
C GLY B 725 -23.83 5.75 15.80
N ALA B 726 -22.69 5.80 16.49
CA ALA B 726 -21.38 5.63 15.89
C ALA B 726 -20.84 4.23 16.18
N VAL B 727 -20.38 3.56 15.12
CA VAL B 727 -19.80 2.24 15.20
C VAL B 727 -18.38 2.30 14.65
N TYR B 728 -17.43 1.73 15.41
CA TYR B 728 -16.03 1.76 15.05
C TYR B 728 -15.60 0.42 14.49
N LEU B 729 -15.06 0.43 13.28
CA LEU B 729 -14.50 -0.78 12.69
C LEU B 729 -13.00 -0.81 13.00
N ARG B 730 -12.56 -1.91 13.62
CA ARG B 730 -11.18 -2.08 14.06
C ARG B 730 -10.50 -3.21 13.31
N ALA B 731 -9.26 -2.99 12.90
CA ALA B 731 -8.43 -4.03 12.30
C ALA B 731 -7.25 -4.29 13.22
N LEU B 732 -7.09 -5.57 13.64
CA LEU B 732 -5.97 -6.00 14.46
C LEU B 732 -5.05 -6.86 13.60
N VAL B 733 -3.78 -6.47 13.52
CA VAL B 733 -2.81 -7.14 12.67
C VAL B 733 -1.59 -7.51 13.51
N VAL B 734 -1.12 -8.74 13.36
CA VAL B 734 0.07 -9.18 14.06
C VAL B 734 1.09 -9.60 13.01
N ASP B 735 2.37 -9.30 13.28
CA ASP B 735 3.46 -9.76 12.43
C ASP B 735 4.04 -11.04 13.03
N ARG B 736 5.17 -11.54 12.53
CA ARG B 736 5.72 -12.81 12.95
C ARG B 736 6.56 -12.76 14.25
N ALA B 737 6.90 -11.59 14.82
CA ALA B 737 7.57 -11.63 16.11
C ALA B 737 6.57 -11.37 17.23
N GLY B 738 5.30 -11.26 16.89
CA GLY B 738 4.30 -10.95 17.89
C GLY B 738 4.08 -9.45 18.01
N ASN B 739 4.47 -8.69 16.96
CA ASN B 739 4.21 -7.26 16.98
C ASN B 739 2.77 -7.04 16.51
N ALA B 740 1.97 -6.36 17.35
CA ALA B 740 0.55 -6.17 17.07
C ALA B 740 0.14 -4.70 17.00
N THR B 741 -0.76 -4.42 16.05
CA THR B 741 -1.29 -3.08 15.86
C THR B 741 -2.80 -3.13 15.67
N ILE B 742 -3.47 -2.01 16.00
CA ILE B 742 -4.90 -1.85 15.79
C ILE B 742 -5.16 -0.50 15.12
N SER B 743 -5.95 -0.52 14.05
CA SER B 743 -6.44 0.69 13.41
C SER B 743 -7.96 0.77 13.52
N THR B 744 -8.48 2.00 13.57
CA THR B 744 -9.89 2.23 13.76
C THR B 744 -10.41 3.21 12.71
N THR B 745 -11.63 2.97 12.23
CA THR B 745 -12.35 3.92 11.39
C THR B 745 -13.78 4.02 11.90
N PRO B 746 -14.34 5.24 12.07
CA PRO B 746 -15.72 5.38 12.52
C PRO B 746 -16.72 5.47 11.37
N ILE B 747 -17.92 4.93 11.59
CA ILE B 747 -19.07 5.16 10.73
C ILE B 747 -20.26 5.49 11.62
N VAL B 748 -21.34 5.91 10.96
CA VAL B 748 -22.62 6.11 11.63
C VAL B 748 -23.62 5.10 11.06
N VAL B 749 -24.32 4.46 12.00
CA VAL B 749 -25.41 3.55 11.65
C VAL B 749 -26.72 4.13 12.16
N ASN B 750 -27.69 4.24 11.24
CA ASN B 750 -29.05 4.63 11.61
C ASN B 750 -29.94 3.40 11.48
N ALA B 751 -30.83 3.20 12.46
CA ALA B 751 -31.80 2.12 12.37
C ALA B 751 -32.74 2.38 11.21
N LYS B 752 -33.11 1.32 10.49
CA LYS B 752 -34.08 1.42 9.41
C LYS B 752 -35.44 1.82 9.96
N ILE B 753 -36.34 2.16 9.03
CA ILE B 753 -37.74 2.44 9.36
C ILE B 753 -38.40 1.20 9.94
N THR B 754 -38.10 0.04 9.37
CA THR B 754 -38.67 -1.22 9.82
C THR B 754 -38.07 -1.64 11.17
N ASN B 755 -36.84 -1.21 11.44
CA ASN B 755 -36.15 -1.57 12.67
C ASN B 755 -36.79 -0.86 13.85
N GLN B 756 -37.75 -1.52 14.51
CA GLN B 756 -38.50 -0.89 15.60
C GLN B 756 -38.50 -1.69 16.90
N ALA B 757 -38.02 -2.94 16.89
CA ALA B 757 -37.96 -3.74 18.10
C ALA B 757 -36.85 -4.77 17.98
N ARG B 758 -36.26 -5.11 19.13
CA ARG B 758 -35.25 -6.16 19.16
C ARG B 758 -35.93 -7.52 18.98
N PRO B 759 -35.26 -8.47 18.29
CA PRO B 759 -35.80 -9.82 18.11
C PRO B 759 -36.07 -10.50 19.44
N LEU B 760 -37.19 -11.23 19.51
CA LEU B 760 -37.53 -11.98 20.71
C LEU B 760 -36.65 -13.21 20.82
N LEU B 761 -36.28 -13.53 22.07
CA LEU B 761 -35.41 -14.66 22.35
C LEU B 761 -36.15 -15.65 23.25
N GLY B 762 -36.04 -16.93 22.87
CA GLY B 762 -36.51 -18.02 23.73
C GLY B 762 -35.49 -18.34 24.83
N GLY B 763 -35.75 -19.45 25.53
CA GLY B 763 -34.80 -19.93 26.52
C GLY B 763 -33.50 -20.39 25.86
N PHE B 764 -32.43 -20.22 26.62
CA PHE B 764 -31.10 -20.62 26.16
C PHE B 764 -30.35 -21.22 27.34
N ASP B 765 -29.34 -22.05 27.03
CA ASP B 765 -28.49 -22.61 28.05
C ASP B 765 -27.21 -23.16 27.43
N ALA B 766 -26.12 -23.08 28.21
CA ALA B 766 -24.87 -23.72 27.88
C ALA B 766 -24.66 -24.88 28.85
N PHE B 767 -24.35 -26.06 28.31
CA PHE B 767 -24.26 -27.28 29.10
C PHE B 767 -23.29 -28.24 28.45
N LYS B 768 -22.79 -29.19 29.24
CA LYS B 768 -21.91 -30.22 28.72
C LYS B 768 -22.71 -31.14 27.81
N ARG B 769 -22.03 -31.71 26.82
CA ARG B 769 -22.69 -32.46 25.76
C ARG B 769 -23.44 -33.66 26.34
N ASN B 770 -22.85 -34.37 27.30
CA ASN B 770 -23.47 -35.54 27.89
C ASN B 770 -24.56 -35.18 28.90
N ALA B 771 -24.68 -33.90 29.27
CA ALA B 771 -25.67 -33.46 30.25
C ALA B 771 -26.96 -33.04 29.53
N SER B 772 -27.86 -32.39 30.27
CA SER B 772 -29.11 -31.88 29.71
C SER B 772 -29.25 -30.39 30.04
N ALA B 773 -30.00 -29.70 29.18
CA ALA B 773 -30.16 -28.25 29.26
C ALA B 773 -31.06 -27.88 30.43
N GLN B 774 -30.79 -26.71 31.01
CA GLN B 774 -31.70 -26.06 31.94
C GLN B 774 -31.89 -24.62 31.47
N PHE B 775 -32.92 -24.39 30.63
CA PHE B 775 -33.10 -23.13 29.94
C PHE B 775 -33.44 -22.00 30.91
N MET B 776 -33.07 -20.77 30.51
CA MET B 776 -33.40 -19.59 31.28
C MET B 776 -33.68 -18.43 30.33
N SER B 777 -34.39 -17.42 30.84
CA SER B 777 -34.86 -16.29 30.06
C SER B 777 -34.11 -15.04 30.48
N ASN B 778 -32.99 -14.76 29.81
CA ASN B 778 -32.12 -13.64 30.18
C ASN B 778 -31.65 -12.93 28.91
N SER B 779 -32.61 -12.52 28.07
CA SER B 779 -32.29 -11.91 26.79
C SER B 779 -31.55 -10.58 27.00
N ASN B 780 -30.64 -10.29 26.07
CA ASN B 780 -29.85 -9.06 26.07
C ASN B 780 -29.04 -8.93 27.35
N ALA B 781 -28.56 -10.06 27.84
CA ALA B 781 -27.72 -10.11 29.03
C ALA B 781 -26.94 -11.41 29.01
N ILE B 782 -25.92 -11.46 29.87
CA ILE B 782 -25.10 -12.65 30.03
C ILE B 782 -25.27 -13.16 31.44
N SER B 783 -25.60 -14.46 31.55
CA SER B 783 -25.93 -15.07 32.82
C SER B 783 -24.72 -15.80 33.39
N GLY B 784 -24.67 -15.85 34.72
CA GLY B 784 -23.63 -16.57 35.44
C GLY B 784 -23.80 -18.08 35.31
N VAL B 785 -22.96 -18.81 36.05
CA VAL B 785 -22.95 -20.26 35.96
C VAL B 785 -24.24 -20.80 36.55
N ASN B 786 -25.02 -21.50 35.72
CA ASN B 786 -26.26 -22.13 36.16
C ASN B 786 -25.95 -23.55 36.62
N GLY B 787 -27.00 -24.37 36.82
CA GLY B 787 -26.84 -25.74 37.26
C GLY B 787 -26.00 -26.60 36.32
N THR B 788 -25.88 -26.19 35.06
CA THR B 788 -25.09 -26.92 34.09
C THR B 788 -23.89 -26.09 33.68
N ALA B 789 -22.73 -26.37 34.28
CA ALA B 789 -21.51 -25.63 34.02
C ALA B 789 -20.87 -26.06 32.71
N VAL B 790 -20.15 -25.13 32.10
CA VAL B 790 -19.36 -25.38 30.90
C VAL B 790 -17.91 -25.02 31.21
N THR B 791 -17.00 -25.91 30.83
CA THR B 791 -15.58 -25.78 31.10
C THR B 791 -14.82 -26.11 29.83
N PRO B 792 -13.61 -25.54 29.64
CA PRO B 792 -12.80 -25.90 28.49
C PRO B 792 -12.39 -27.36 28.52
N ASN B 793 -12.36 -27.97 27.34
CA ASN B 793 -12.02 -29.37 27.17
C ASN B 793 -10.71 -29.46 26.39
N THR B 794 -9.67 -29.94 27.08
CA THR B 794 -8.35 -30.07 26.48
C THR B 794 -8.11 -31.46 25.88
N THR B 795 -9.07 -32.38 26.04
CA THR B 795 -8.90 -33.75 25.59
C THR B 795 -9.80 -34.01 24.38
N ALA B 796 -9.67 -35.22 23.82
CA ALA B 796 -10.45 -35.63 22.66
C ALA B 796 -11.82 -36.19 23.06
N ASN B 797 -12.06 -36.37 24.37
CA ASN B 797 -13.30 -36.94 24.86
C ASN B 797 -14.48 -36.05 24.45
N SER B 798 -15.33 -36.58 23.55
CA SER B 798 -16.47 -35.83 23.02
C SER B 798 -17.54 -35.57 24.08
N ALA B 799 -17.53 -36.34 25.17
CA ALA B 799 -18.51 -36.15 26.22
C ALA B 799 -18.27 -34.87 27.02
N LEU B 800 -17.07 -34.29 26.91
CA LEU B 800 -16.73 -33.10 27.70
C LEU B 800 -16.90 -31.82 26.88
N ASP B 801 -17.38 -31.91 25.64
CA ASP B 801 -17.60 -30.74 24.83
C ASP B 801 -18.77 -29.95 25.40
N ASN B 802 -18.86 -28.68 24.97
CA ASN B 802 -19.86 -27.76 25.46
C ASN B 802 -20.83 -27.41 24.33
N ILE B 803 -22.11 -27.32 24.67
CA ILE B 803 -23.18 -26.98 23.73
C ILE B 803 -23.87 -25.72 24.24
N LEU B 804 -24.04 -24.74 23.33
CA LEU B 804 -24.87 -23.58 23.58
C LEU B 804 -26.13 -23.70 22.74
N SER B 805 -27.29 -23.69 23.41
CA SER B 805 -28.55 -23.99 22.75
C SER B 805 -29.57 -22.89 23.02
N LEU B 806 -30.30 -22.49 21.96
CA LEU B 806 -31.35 -21.48 22.05
C LEU B 806 -32.65 -22.07 21.53
N ASP B 807 -33.74 -21.89 22.28
CA ASP B 807 -35.04 -22.43 21.88
C ASP B 807 -35.59 -21.65 20.69
N SER B 808 -36.03 -22.37 19.66
CA SER B 808 -36.55 -21.76 18.43
C SER B 808 -38.01 -21.36 18.55
N VAL B 809 -38.72 -21.84 19.59
CA VAL B 809 -40.14 -21.58 19.70
C VAL B 809 -40.35 -20.12 20.10
N GLY B 810 -39.54 -19.62 21.03
CA GLY B 810 -39.65 -18.24 21.50
C GLY B 810 -38.86 -17.22 20.68
N THR B 811 -38.20 -17.65 19.60
CA THR B 811 -37.30 -16.77 18.86
C THR B 811 -38.02 -16.23 17.63
N LEU B 812 -38.29 -14.93 17.63
CA LEU B 812 -39.04 -14.30 16.56
C LEU B 812 -38.58 -12.86 16.37
N THR B 813 -38.84 -12.32 15.18
CA THR B 813 -38.68 -10.91 14.90
C THR B 813 -40.03 -10.30 14.50
N THR B 814 -40.38 -9.18 15.11
CA THR B 814 -41.64 -8.49 14.83
C THR B 814 -41.48 -7.36 13.83
N ASN B 815 -40.25 -7.07 13.38
CA ASN B 815 -40.03 -6.02 12.40
C ASN B 815 -40.65 -6.41 11.07
N ALA B 816 -41.32 -5.43 10.44
CA ALA B 816 -41.95 -5.61 9.14
C ALA B 816 -42.12 -4.27 8.45
N TYR B 817 -42.33 -4.32 7.13
CA TYR B 817 -42.55 -3.12 6.33
C TYR B 817 -44.04 -3.04 5.98
N GLY B 821 -50.92 -5.04 7.58
CA GLY B 821 -51.86 -5.78 6.70
C GLY B 821 -51.44 -5.76 5.23
N ALA B 822 -51.16 -4.55 4.72
CA ALA B 822 -50.69 -4.35 3.36
C ALA B 822 -51.74 -4.84 2.34
N THR B 823 -51.30 -5.08 1.11
CA THR B 823 -52.19 -5.47 0.02
C THR B 823 -52.27 -6.98 -0.05
N GLU B 824 -52.93 -7.58 0.95
CA GLU B 824 -53.23 -9.00 1.00
C GLU B 824 -51.98 -9.85 1.30
N THR B 825 -50.80 -9.22 1.32
CA THR B 825 -49.56 -9.91 1.65
C THR B 825 -48.72 -8.98 2.52
N ALA B 826 -48.36 -9.43 3.72
CA ALA B 826 -47.55 -8.64 4.63
C ALA B 826 -46.12 -8.55 4.11
N ILE B 827 -45.58 -7.33 4.10
CA ILE B 827 -44.16 -7.12 3.83
C ILE B 827 -43.41 -7.17 5.16
N THR B 828 -42.51 -8.15 5.28
CA THR B 828 -41.97 -8.49 6.60
C THR B 828 -40.43 -8.51 6.57
N GLU B 829 -39.86 -8.65 7.76
CA GLU B 829 -38.44 -8.90 7.95
C GLU B 829 -38.25 -10.26 8.59
N LYS B 830 -37.27 -11.02 8.09
CA LYS B 830 -36.96 -12.34 8.59
C LYS B 830 -35.74 -12.32 9.49
N ILE B 831 -35.48 -13.44 10.14
CA ILE B 831 -34.25 -13.63 10.90
C ILE B 831 -33.14 -14.04 9.94
N ARG B 832 -32.00 -13.33 10.00
CA ARG B 832 -30.93 -13.55 9.04
C ARG B 832 -29.89 -14.54 9.58
N ASN B 833 -29.51 -14.41 10.85
CA ASN B 833 -28.36 -15.15 11.34
C ASN B 833 -28.47 -15.39 12.84
N VAL B 834 -28.04 -16.59 13.24
CA VAL B 834 -27.86 -16.93 14.65
C VAL B 834 -26.42 -17.38 14.81
N GLY B 835 -25.59 -16.50 15.38
CA GLY B 835 -24.14 -16.71 15.45
C GLY B 835 -23.71 -17.02 16.86
N ALA B 836 -22.67 -17.88 16.97
CA ALA B 836 -22.09 -18.27 18.25
C ALA B 836 -20.69 -17.67 18.34
N TYR B 837 -20.41 -17.11 19.52
CA TYR B 837 -19.17 -16.41 19.79
C TYR B 837 -18.57 -16.92 21.10
N GLY B 838 -17.24 -16.85 21.16
CA GLY B 838 -16.54 -17.09 22.41
C GLY B 838 -15.77 -15.85 22.83
N ARG B 839 -15.98 -15.38 24.04
CA ARG B 839 -15.35 -14.16 24.50
C ARG B 839 -13.89 -14.43 24.87
N PHE B 840 -12.98 -13.54 24.44
CA PHE B 840 -11.57 -13.58 24.82
C PHE B 840 -11.47 -13.45 26.33
N ASP B 841 -10.53 -14.18 26.93
CA ASP B 841 -10.38 -14.17 28.37
C ASP B 841 -10.02 -12.77 28.85
N ALA B 842 -10.65 -12.33 29.94
CA ALA B 842 -10.48 -10.96 30.41
C ALA B 842 -9.07 -10.76 30.97
N THR B 843 -8.52 -11.74 31.69
CA THR B 843 -7.21 -11.58 32.28
C THR B 843 -6.11 -11.52 31.21
N GLN B 844 -6.17 -12.43 30.23
CA GLN B 844 -5.18 -12.43 29.17
C GLN B 844 -5.26 -11.14 28.35
N TRP B 845 -6.47 -10.71 28.04
CA TRP B 845 -6.66 -9.47 27.29
C TRP B 845 -6.13 -8.28 28.08
N ASN B 846 -6.36 -8.27 29.39
CA ASN B 846 -5.88 -7.20 30.24
C ASN B 846 -4.35 -7.16 30.23
N ARG B 847 -3.71 -8.33 30.28
CA ARG B 847 -2.26 -8.40 30.20
C ARG B 847 -1.74 -7.85 28.87
N ILE B 848 -2.36 -8.26 27.76
CA ILE B 848 -1.93 -7.81 26.45
C ILE B 848 -2.10 -6.29 26.32
N ARG B 849 -3.23 -5.78 26.81
CA ARG B 849 -3.54 -4.36 26.71
C ARG B 849 -2.56 -3.55 27.56
N ASP B 850 -2.26 -4.03 28.76
CA ASP B 850 -1.33 -3.34 29.65
C ASP B 850 0.05 -3.31 29.04
N TYR B 851 0.45 -4.41 28.39
CA TYR B 851 1.73 -4.44 27.72
C TYR B 851 1.79 -3.42 26.58
N GLN B 852 0.73 -3.37 25.76
CA GLN B 852 0.72 -2.47 24.62
C GLN B 852 0.63 -1.00 25.07
N LEU B 853 0.06 -0.73 26.25
CA LEU B 853 -0.14 0.64 26.68
C LEU B 853 1.02 1.15 27.55
N ASN B 854 1.55 0.34 28.47
CA ASN B 854 2.49 0.85 29.46
C ASN B 854 3.81 0.09 29.49
N THR B 855 3.79 -1.25 29.30
CA THR B 855 4.97 -2.05 29.60
C THR B 855 5.88 -2.31 28.40
N ASP B 856 5.37 -2.38 27.15
CA ASP B 856 6.24 -2.75 26.02
C ASP B 856 7.57 -1.99 26.20
N PRO B 857 8.73 -2.68 26.12
CA PRO B 857 10.02 -2.00 26.18
C PRO B 857 10.24 -0.98 25.05
N THR B 858 9.61 -1.19 23.88
CA THR B 858 9.76 -0.28 22.75
C THR B 858 9.33 1.14 23.13
N LEU B 859 8.45 1.28 24.12
CA LEU B 859 7.94 2.59 24.48
C LEU B 859 9.05 3.41 25.13
N ARG B 860 9.91 2.75 25.90
CA ARG B 860 11.06 3.38 26.53
C ARG B 860 12.30 3.29 25.64
N SER B 861 12.15 2.78 24.42
CA SER B 861 13.27 2.65 23.48
C SER B 861 13.80 4.03 23.14
N ALA B 862 15.13 4.13 23.06
CA ALA B 862 15.79 5.38 22.71
C ALA B 862 15.78 5.63 21.20
N TYR B 863 15.39 4.64 20.37
CA TYR B 863 15.39 4.82 18.93
C TYR B 863 13.96 4.81 18.38
N VAL B 864 13.04 5.48 19.08
CA VAL B 864 11.66 5.54 18.64
C VAL B 864 11.04 6.85 19.12
N ASN B 865 9.96 7.24 18.45
CA ASN B 865 9.18 8.39 18.87
C ASN B 865 8.19 7.92 19.94
N ALA B 866 8.60 8.01 21.20
CA ALA B 866 7.81 7.45 22.29
C ALA B 866 6.46 8.14 22.45
N GLY B 867 6.33 9.36 21.93
CA GLY B 867 5.08 10.09 22.05
C GLY B 867 4.10 9.72 20.94
N ASN B 868 4.59 9.61 19.70
CA ASN B 868 3.76 9.21 18.58
C ASN B 868 3.21 7.80 18.80
N LEU B 869 4.06 6.87 19.25
CA LEU B 869 3.65 5.50 19.46
C LEU B 869 2.61 5.41 20.58
N ALA B 870 2.84 6.16 21.67
CA ALA B 870 1.91 6.14 22.78
C ALA B 870 0.56 6.74 22.37
N ASN B 871 0.57 7.82 21.59
CA ASN B 871 -0.66 8.40 21.10
C ASN B 871 -1.42 7.43 20.19
N GLN B 872 -0.71 6.73 19.30
CA GLN B 872 -1.38 5.87 18.32
C GLN B 872 -1.95 4.62 18.98
N ARG B 873 -1.46 4.26 20.18
CA ARG B 873 -1.94 3.09 20.89
C ARG B 873 -3.05 3.50 21.86
N GLY B 874 -2.83 4.56 22.61
CA GLY B 874 -3.85 5.07 23.52
C GLY B 874 -5.16 5.34 22.78
N ASN B 875 -5.11 5.38 21.45
CA ASN B 875 -6.29 5.73 20.67
C ASN B 875 -6.94 4.50 20.05
N ASN B 876 -6.32 3.32 20.17
CA ASN B 876 -6.82 2.13 19.50
C ASN B 876 -6.87 0.92 20.42
N TRP B 877 -6.09 0.91 21.50
CA TRP B 877 -5.98 -0.26 22.37
C TRP B 877 -6.74 -0.07 23.67
N ARG B 878 -7.52 1.00 23.81
CA ARG B 878 -8.27 1.23 25.03
C ARG B 878 -9.68 0.67 24.87
N ILE B 879 -9.75 -0.64 24.57
CA ILE B 879 -10.99 -1.32 24.22
C ILE B 879 -11.18 -2.51 25.15
N ARG B 880 -12.41 -3.02 25.20
CA ARG B 880 -12.74 -4.15 26.07
C ARG B 880 -12.38 -5.46 25.36
N THR B 881 -12.47 -6.56 26.10
CA THR B 881 -12.06 -7.86 25.57
C THR B 881 -12.95 -8.26 24.38
N PRO B 882 -12.37 -8.77 23.28
CA PRO B 882 -13.12 -9.04 22.07
C PRO B 882 -14.01 -10.29 22.17
N TRP B 883 -14.89 -10.44 21.18
CA TRP B 883 -15.71 -11.63 20.98
C TRP B 883 -15.26 -12.30 19.71
N VAL B 884 -14.96 -13.60 19.81
CA VAL B 884 -14.40 -14.33 18.69
C VAL B 884 -15.52 -15.12 18.03
N GLU B 885 -15.63 -14.97 16.71
CA GLU B 885 -16.68 -15.62 15.95
C GLU B 885 -16.38 -17.12 15.83
N LEU B 886 -17.16 -17.94 16.54
CA LEU B 886 -17.02 -19.39 16.47
C LEU B 886 -17.77 -19.95 15.27
N GLY B 887 -19.03 -19.53 15.07
CA GLY B 887 -19.77 -20.04 13.94
C GLY B 887 -21.20 -19.54 13.92
N SER B 888 -22.08 -20.27 13.21
CA SER B 888 -23.48 -19.91 13.11
C SER B 888 -24.35 -21.13 13.41
N SER B 889 -25.31 -20.96 14.32
CA SER B 889 -26.28 -22.02 14.64
C SER B 889 -27.29 -22.20 13.51
N ASP B 890 -27.70 -21.08 12.87
CA ASP B 890 -28.46 -21.12 11.63
C ASP B 890 -29.85 -21.69 11.83
N THR B 891 -30.27 -22.62 10.96
CA THR B 891 -31.63 -23.12 11.04
C THR B 891 -31.79 -24.07 12.23
N ALA B 892 -33.01 -24.12 12.77
CA ALA B 892 -33.31 -24.96 13.91
C ALA B 892 -33.27 -26.43 13.54
N ASN B 893 -32.93 -27.26 14.52
CA ASN B 893 -32.79 -28.70 14.33
C ASN B 893 -34.15 -29.37 14.57
N THR B 894 -34.16 -30.72 14.53
CA THR B 894 -35.34 -31.50 14.80
C THR B 894 -35.77 -31.39 16.26
N GLN B 895 -34.91 -30.85 17.12
CA GLN B 895 -35.24 -30.62 18.52
C GLN B 895 -35.73 -29.19 18.76
N GLN B 896 -35.90 -28.42 17.68
CA GLN B 896 -36.36 -27.03 17.76
C GLN B 896 -35.35 -26.18 18.52
N LYS B 897 -34.06 -26.34 18.19
CA LYS B 897 -33.02 -25.58 18.86
C LYS B 897 -32.01 -25.06 17.84
N PHE B 898 -31.46 -23.88 18.12
CA PHE B 898 -30.23 -23.43 17.50
C PHE B 898 -29.08 -23.79 18.44
N ASP B 899 -28.27 -24.76 18.03
CA ASP B 899 -27.26 -25.35 18.90
C ASP B 899 -25.87 -25.22 18.28
N PHE B 900 -24.87 -24.96 19.11
CA PHE B 900 -23.48 -24.87 18.67
C PHE B 900 -22.58 -25.64 19.64
N ASN B 901 -21.56 -26.31 19.08
CA ASN B 901 -20.67 -27.15 19.87
C ASN B 901 -19.24 -26.62 19.84
N SER B 902 -18.60 -26.53 21.01
CA SER B 902 -17.21 -26.09 21.08
C SER B 902 -16.53 -26.65 22.33
N ASP B 903 -15.21 -26.72 22.28
CA ASP B 903 -14.41 -27.12 23.45
C ASP B 903 -13.97 -25.91 24.27
N LEU B 904 -14.39 -24.70 23.88
CA LEU B 904 -14.12 -23.47 24.61
C LEU B 904 -12.62 -23.21 24.74
N LEU B 905 -11.87 -23.54 23.69
CA LEU B 905 -10.45 -23.20 23.63
C LEU B 905 -10.29 -22.06 22.62
N ASN B 906 -9.62 -20.99 23.06
CA ASN B 906 -9.41 -19.81 22.24
C ASN B 906 -8.66 -20.20 20.97
N ASP B 907 -9.14 -19.74 19.82
CA ASP B 907 -8.49 -20.05 18.55
C ASP B 907 -7.28 -19.15 18.29
N PHE B 908 -7.04 -18.16 19.15
CA PHE B 908 -5.77 -17.43 19.12
C PHE B 908 -4.60 -18.32 19.56
N TYR B 909 -4.88 -19.35 20.38
CA TYR B 909 -3.85 -20.13 21.04
C TYR B 909 -4.00 -21.62 20.72
N PHE B 910 -3.23 -22.45 21.43
CA PHE B 910 -3.24 -23.90 21.28
C PHE B 910 -2.86 -24.33 19.87
N GLY B 911 -2.03 -23.53 19.19
CA GLY B 911 -1.51 -23.93 17.90
C GLY B 911 -2.41 -23.57 16.73
N ARG B 912 -3.58 -22.98 17.02
CA ARG B 912 -4.48 -22.58 15.94
C ARG B 912 -3.95 -21.31 15.27
N THR B 913 -3.53 -20.34 16.07
CA THR B 913 -2.90 -19.14 15.56
C THR B 913 -1.49 -18.97 16.15
N PHE B 914 -1.40 -19.02 17.48
CA PHE B 914 -0.12 -19.02 18.16
C PHE B 914 -0.04 -20.25 19.07
N GLY B 915 1.18 -20.74 19.30
CA GLY B 915 1.39 -21.94 20.11
C GLY B 915 1.47 -21.60 21.59
N ASN B 916 0.33 -21.71 22.28
CA ASN B 916 0.27 -21.49 23.72
C ASN B 916 -0.59 -22.59 24.34
N ASN B 917 0.02 -23.38 25.22
CA ASN B 917 -0.61 -24.60 25.73
C ASN B 917 -0.89 -24.48 27.22
N ASP B 918 0.11 -24.07 28.01
CA ASP B 918 -0.02 -24.07 29.46
C ASP B 918 -1.07 -23.08 29.95
N ASN B 919 -1.51 -23.26 31.20
CA ASN B 919 -2.45 -22.35 31.84
C ASN B 919 -3.70 -22.20 30.98
N VAL B 920 -4.53 -23.25 30.99
CA VAL B 920 -5.74 -23.29 30.19
C VAL B 920 -6.72 -22.18 30.59
N ASN B 921 -6.65 -21.71 31.84
CA ASN B 921 -7.52 -20.63 32.29
C ASN B 921 -7.28 -19.36 31.47
N LEU B 922 -6.02 -19.04 31.16
CA LEU B 922 -5.72 -17.81 30.46
C LEU B 922 -6.04 -17.92 28.98
N PHE B 923 -5.96 -19.13 28.41
CA PHE B 923 -6.07 -19.29 26.97
C PHE B 923 -7.35 -20.01 26.56
N SER B 924 -8.42 -19.80 27.32
CA SER B 924 -9.73 -20.34 26.99
C SER B 924 -10.78 -19.23 27.17
N TYR B 925 -11.88 -19.35 26.41
CA TYR B 925 -12.95 -18.38 26.47
C TYR B 925 -13.55 -18.34 27.88
N ASP B 926 -13.89 -17.14 28.35
CA ASP B 926 -14.55 -16.99 29.64
C ASP B 926 -16.07 -16.83 29.50
N GLN B 927 -16.59 -16.68 28.27
CA GLN B 927 -18.03 -16.59 28.05
C GLN B 927 -18.40 -17.25 26.73
N PHE B 928 -19.51 -18.00 26.74
CA PHE B 928 -20.06 -18.62 25.56
C PHE B 928 -21.35 -17.88 25.19
N ASN B 929 -21.33 -17.16 24.07
CA ASN B 929 -22.37 -16.19 23.76
C ASN B 929 -22.94 -16.40 22.37
N GLY B 930 -24.10 -15.77 22.11
CA GLY B 930 -24.69 -15.82 20.78
C GLY B 930 -25.41 -14.51 20.43
N ILE B 931 -25.53 -14.26 19.12
CA ILE B 931 -26.22 -13.10 18.60
C ILE B 931 -27.27 -13.55 17.58
N VAL B 932 -28.49 -13.04 17.75
CA VAL B 932 -29.56 -13.25 16.77
C VAL B 932 -29.80 -11.92 16.05
N SER B 933 -29.65 -11.95 14.73
CA SER B 933 -29.80 -10.75 13.93
C SER B 933 -30.78 -11.00 12.78
N GLY B 934 -31.66 -10.01 12.55
CA GLY B 934 -32.67 -10.08 11.52
C GLY B 934 -32.27 -9.32 10.26
N THR B 935 -33.13 -9.38 9.25
CA THR B 935 -32.87 -8.71 7.99
C THR B 935 -33.02 -7.20 8.12
N ALA B 936 -33.80 -6.72 9.09
CA ALA B 936 -33.94 -5.29 9.31
C ALA B 936 -32.72 -4.68 9.98
N GLY B 937 -31.81 -5.51 10.50
CA GLY B 937 -30.62 -5.02 11.20
C GLY B 937 -30.75 -5.02 12.73
N ALA B 938 -31.93 -5.34 13.28
CA ALA B 938 -32.06 -5.46 14.72
C ALA B 938 -31.35 -6.73 15.21
N TYR B 939 -30.95 -6.72 16.49
CA TYR B 939 -30.24 -7.86 17.03
C TYR B 939 -30.45 -7.97 18.53
N SER B 940 -30.29 -9.20 19.03
CA SER B 940 -30.29 -9.46 20.46
C SER B 940 -29.18 -10.46 20.78
N PHE B 941 -28.71 -10.46 22.03
CA PHE B 941 -27.59 -11.31 22.40
C PHE B 941 -27.91 -12.05 23.70
N TYR B 942 -27.30 -13.23 23.83
CA TYR B 942 -27.45 -14.06 25.01
C TYR B 942 -26.13 -14.77 25.29
N GLY B 943 -26.03 -15.44 26.44
CA GLY B 943 -24.86 -16.24 26.71
C GLY B 943 -24.64 -16.48 28.20
N GLU B 944 -23.64 -17.32 28.49
CA GLU B 944 -23.34 -17.75 29.84
C GLU B 944 -21.84 -17.68 30.09
N THR B 945 -21.47 -17.34 31.33
CA THR B 945 -20.07 -17.32 31.72
C THR B 945 -19.52 -18.74 31.78
N VAL B 946 -18.26 -18.90 31.41
CA VAL B 946 -17.60 -20.20 31.43
C VAL B 946 -17.06 -20.47 32.83
N GLN B 947 -17.35 -21.66 33.36
CA GLN B 947 -16.92 -22.04 34.70
C GLN B 947 -15.39 -22.10 34.76
N LYS B 948 -14.77 -22.64 33.71
CA LYS B 948 -13.31 -22.66 33.58
C LYS B 948 -12.68 -23.56 34.66
#